data_4KVG
#
_entry.id   4KVG
#
_cell.length_a   82.467
_cell.length_b   85.848
_cell.length_c   160.852
_cell.angle_alpha   90.00
_cell.angle_beta   90.00
_cell.angle_gamma   90.00
#
_symmetry.space_group_name_H-M   'P 21 21 21'
#
loop_
_entity.id
_entity.type
_entity.pdbx_description
1 polymer 'Ras-related protein Rap-1A'
2 polymer 'Amyloid beta A4 precursor protein-binding family B member 1-interacting protein'
3 non-polymer "GUANOSINE-5'-TRIPHOSPHATE"
4 non-polymer 'MAGNESIUM ION'
5 non-polymer 1,2-ETHANEDIOL
6 water water
#
loop_
_entity_poly.entity_id
_entity_poly.type
_entity_poly.pdbx_seq_one_letter_code
_entity_poly.pdbx_strand_id
1 'polypeptide(L)'
;HMREYKLVVLGSVGVGKSALTVQFVQGIFVEKYDPTIEDSYRKQVEVDCQQCMLEILDTAGTEEFTAMRDLYMKNGQGFA
LVYSITAQSTFNDLQDLREQILRVKDTEDVPMILVGNKCDLEDERVVGKEQGQNLARQWCNCAFLESSAKSKINVNEIFY
DLVRQINR
;
A,C
2 'polypeptide(L)'
;MKKLVVKVHMDDSSTKSLMVDERQLARDVLDNLFEKTHCDCNVDWCLYEIYPELQIERVFEDHENVVEVLSDWTRDTENK
VLFLEKEERYAVFKNPQNFYLDNKGKKENKETNEKMNAKNKEYLLEESFCGTSIIVPELEGALYLKEDGKKSWKRRYFLL
RASGIYYVPKGKTKTSRDLACFIQFENVNIYYGIQCKMKYKAPTDHCFVLKHPQIQKESQYIKYLCCDDARTLSQWVMGI
RIAKYGKTLYDNYQRAVARA
;
B,D
#
# COMPACT_ATOMS: atom_id res chain seq x y z
N HIS A 1 11.01 -10.91 -37.64
CA HIS A 1 11.25 -9.81 -36.65
C HIS A 1 12.67 -9.37 -36.66
N MET A 2 12.87 -8.06 -36.56
CA MET A 2 14.22 -7.51 -36.43
C MET A 2 14.83 -7.88 -35.09
N ARG A 3 16.14 -8.07 -35.07
CA ARG A 3 16.86 -8.44 -33.87
C ARG A 3 16.99 -7.25 -32.92
N GLU A 4 16.91 -7.52 -31.62
CA GLU A 4 17.07 -6.50 -30.60
C GLU A 4 18.43 -6.60 -29.95
N TYR A 5 19.05 -5.45 -29.74
CA TYR A 5 20.41 -5.38 -29.22
C TYR A 5 20.43 -4.54 -27.95
N LYS A 6 20.88 -5.15 -26.86
CA LYS A 6 20.97 -4.46 -25.56
C LYS A 6 22.36 -3.89 -25.37
N LEU A 7 22.46 -2.56 -25.49
CA LEU A 7 23.76 -1.88 -25.41
C LEU A 7 23.83 -1.04 -24.14
N VAL A 8 25.02 -0.97 -23.56
CA VAL A 8 25.23 -0.27 -22.31
C VAL A 8 26.39 0.70 -22.47
N VAL A 9 26.16 1.96 -22.14
CA VAL A 9 27.20 3.00 -22.19
C VAL A 9 27.70 3.24 -20.76
N LEU A 10 29.00 3.01 -20.54
CA LEU A 10 29.65 3.03 -19.23
CA LEU A 10 29.59 3.11 -19.21
C LEU A 10 30.81 4.01 -19.21
N GLY A 11 31.14 4.50 -18.03
CA GLY A 11 32.29 5.39 -17.89
C GLY A 11 32.09 6.32 -16.72
N SER A 12 33.16 7.02 -16.37
CA SER A 12 33.15 7.93 -15.23
C SER A 12 32.30 9.17 -15.49
N VAL A 13 32.05 9.95 -14.43
CA VAL A 13 31.20 11.12 -14.54
C VAL A 13 31.74 12.14 -15.53
N GLY A 14 30.84 12.71 -16.33
CA GLY A 14 31.15 13.85 -17.18
C GLY A 14 31.89 13.58 -18.47
N VAL A 15 32.12 12.31 -18.81
CA VAL A 15 32.86 11.95 -20.01
C VAL A 15 32.08 12.16 -21.31
N GLY A 16 30.75 12.25 -21.20
CA GLY A 16 29.91 12.46 -22.37
C GLY A 16 29.06 11.26 -22.79
N LYS A 17 28.79 10.37 -21.83
CA LYS A 17 27.94 9.19 -22.11
C LYS A 17 26.56 9.62 -22.58
N SER A 18 25.95 10.55 -21.86
CA SER A 18 24.62 11.04 -22.22
C SER A 18 24.64 11.83 -23.52
N ALA A 19 25.63 12.72 -23.66
CA ALA A 19 25.77 13.52 -24.87
C ALA A 19 25.94 12.64 -26.11
N LEU A 20 26.73 11.57 -26.01
CA LEU A 20 26.92 10.68 -27.14
C LEU A 20 25.60 9.97 -27.49
N THR A 21 24.91 9.50 -26.45
CA THR A 21 23.68 8.77 -26.65
C THR A 21 22.57 9.64 -27.26
N VAL A 22 22.40 10.86 -26.74
CA VAL A 22 21.38 11.77 -27.25
C VAL A 22 21.71 12.24 -28.66
N GLN A 23 22.99 12.47 -28.95
CA GLN A 23 23.41 12.79 -30.30
C GLN A 23 23.03 11.65 -31.25
N PHE A 24 23.34 10.42 -30.86
CA PHE A 24 23.02 9.25 -31.68
C PHE A 24 21.52 9.08 -31.89
N VAL A 25 20.75 9.16 -30.80
CA VAL A 25 19.33 8.85 -30.85
C VAL A 25 18.51 10.00 -31.46
N GLN A 26 18.81 11.23 -31.06
CA GLN A 26 17.96 12.37 -31.41
C GLN A 26 18.61 13.44 -32.29
N GLY A 27 19.93 13.34 -32.48
CA GLY A 27 20.66 14.29 -33.32
C GLY A 27 20.76 15.68 -32.71
N ILE A 28 20.80 15.72 -31.38
CA ILE A 28 20.85 16.96 -30.62
C ILE A 28 22.06 16.89 -29.70
N PHE A 29 22.81 18.00 -29.60
CA PHE A 29 23.91 18.06 -28.63
C PHE A 29 23.45 18.65 -27.29
N VAL A 30 23.65 17.89 -26.23
CA VAL A 30 23.28 18.32 -24.87
C VAL A 30 24.45 19.09 -24.26
N GLU A 31 24.25 20.39 -24.10
CA GLU A 31 25.28 21.28 -23.58
C GLU A 31 25.28 21.31 -22.05
N LYS A 32 24.08 21.31 -21.47
CA LYS A 32 23.93 21.39 -20.02
C LYS A 32 24.25 20.05 -19.37
N TYR A 33 25.07 20.09 -18.32
CA TYR A 33 25.38 18.88 -17.56
C TYR A 33 24.37 18.61 -16.44
N ASP A 34 23.77 17.42 -16.49
CA ASP A 34 22.97 16.90 -15.39
C ASP A 34 23.37 15.45 -15.18
N PRO A 35 23.93 15.14 -13.99
CA PRO A 35 24.39 13.76 -13.74
C PRO A 35 23.24 12.77 -13.88
N THR A 36 23.50 11.70 -14.62
CA THR A 36 22.49 10.69 -14.92
C THR A 36 22.33 9.75 -13.72
N ILE A 37 21.09 9.33 -13.47
CA ILE A 37 20.85 8.20 -12.59
C ILE A 37 20.69 6.95 -13.44
N GLU A 38 19.74 6.97 -14.39
CA GLU A 38 19.60 5.93 -15.42
C GLU A 38 18.64 6.41 -16.49
N ASP A 39 19.11 6.46 -17.73
CA ASP A 39 18.25 6.76 -18.88
C ASP A 39 18.31 5.59 -19.84
N SER A 40 17.20 5.25 -20.47
CA SER A 40 17.21 4.24 -21.53
C SER A 40 16.54 4.77 -22.79
N TYR A 41 17.02 4.31 -23.94
CA TYR A 41 16.53 4.74 -25.23
C TYR A 41 16.27 3.55 -26.12
N ARG A 42 15.31 3.69 -27.02
CA ARG A 42 15.04 2.67 -28.03
C ARG A 42 15.10 3.32 -29.39
N LYS A 43 15.97 2.80 -30.27
CA LYS A 43 16.06 3.34 -31.62
CA LYS A 43 16.12 3.36 -31.62
C LYS A 43 16.27 2.25 -32.66
N GLN A 44 15.49 2.34 -33.73
CA GLN A 44 15.63 1.45 -34.86
C GLN A 44 16.66 2.04 -35.80
N VAL A 45 17.63 1.21 -36.20
CA VAL A 45 18.69 1.61 -37.14
C VAL A 45 18.94 0.51 -38.15
N GLU A 46 19.59 0.87 -39.25
CA GLU A 46 20.04 -0.12 -40.22
C GLU A 46 21.53 -0.36 -40.05
N VAL A 47 21.89 -1.63 -39.84
CA VAL A 47 23.28 -2.04 -39.75
C VAL A 47 23.49 -3.21 -40.70
N ASP A 48 24.46 -3.06 -41.60
CA ASP A 48 24.75 -4.06 -42.63
C ASP A 48 23.48 -4.55 -43.34
N CYS A 49 22.68 -3.58 -43.80
CA CYS A 49 21.48 -3.84 -44.62
C CYS A 49 20.29 -4.49 -43.90
N GLN A 50 20.37 -4.59 -42.58
CA GLN A 50 19.29 -5.17 -41.80
C GLN A 50 18.77 -4.18 -40.76
N GLN A 51 17.46 -4.20 -40.53
CA GLN A 51 16.84 -3.37 -39.50
C GLN A 51 17.16 -3.94 -38.12
N CYS A 52 17.54 -3.06 -37.19
CA CYS A 52 17.97 -3.45 -35.86
C CYS A 52 17.28 -2.58 -34.83
N MET A 53 16.79 -3.20 -33.76
CA MET A 53 16.20 -2.47 -32.65
C MET A 53 17.23 -2.36 -31.53
N LEU A 54 17.67 -1.13 -31.26
CA LEU A 54 18.69 -0.89 -30.25
C LEU A 54 18.07 -0.40 -28.96
N GLU A 55 18.36 -1.12 -27.87
CA GLU A 55 18.00 -0.70 -26.53
CA GLU A 55 18.00 -0.68 -26.53
C GLU A 55 19.29 -0.19 -25.87
N ILE A 56 19.37 1.11 -25.66
CA ILE A 56 20.59 1.72 -25.15
C ILE A 56 20.40 2.19 -23.72
N LEU A 57 21.22 1.67 -22.83
CA LEU A 57 21.21 2.08 -21.44
C LEU A 57 22.34 3.07 -21.19
N ASP A 58 21.95 4.28 -20.83
CA ASP A 58 22.87 5.36 -20.51
C ASP A 58 22.98 5.42 -18.99
N THR A 59 24.14 5.03 -18.47
CA THR A 59 24.30 4.76 -17.04
C THR A 59 24.87 5.92 -16.23
N ALA A 60 24.75 5.81 -14.90
CA ALA A 60 25.35 6.79 -13.98
C ALA A 60 26.86 6.63 -13.94
N GLY A 61 27.58 7.75 -13.87
CA GLY A 61 29.04 7.74 -13.82
C GLY A 61 29.63 7.16 -12.54
N THR A 62 28.93 7.36 -11.43
CA THR A 62 29.37 6.86 -10.12
C THR A 62 28.73 5.51 -9.80
N THR A 66 28.00 -1.71 -7.12
CA THR A 66 26.86 -2.24 -6.38
C THR A 66 26.09 -3.30 -7.18
N ALA A 67 24.99 -3.77 -6.63
CA ALA A 67 24.14 -4.78 -7.27
C ALA A 67 23.47 -4.30 -8.55
N MET A 68 23.16 -3.00 -8.60
CA MET A 68 22.52 -2.38 -9.77
C MET A 68 23.45 -2.40 -10.99
N ARG A 69 24.75 -2.25 -10.75
CA ARG A 69 25.75 -2.31 -11.81
C ARG A 69 25.88 -3.72 -12.36
N ASP A 70 25.86 -4.71 -11.47
CA ASP A 70 25.93 -6.12 -11.85
C ASP A 70 24.79 -6.53 -12.80
N LEU A 71 23.59 -6.01 -12.55
CA LEU A 71 22.41 -6.36 -13.32
C LEU A 71 22.51 -5.92 -14.79
N TYR A 72 22.89 -4.68 -15.03
CA TYR A 72 23.00 -4.23 -16.43
C TYR A 72 24.19 -4.84 -17.17
N MET A 73 25.20 -5.29 -16.42
CA MET A 73 26.30 -6.04 -17.01
C MET A 73 25.86 -7.45 -17.39
N LYS A 74 25.08 -8.08 -16.51
CA LYS A 74 24.49 -9.39 -16.80
C LYS A 74 23.57 -9.33 -18.02
N ASN A 75 22.72 -8.31 -18.07
CA ASN A 75 21.74 -8.15 -19.14
C ASN A 75 22.32 -7.61 -20.45
N GLY A 76 23.35 -6.79 -20.35
CA GLY A 76 23.90 -6.11 -21.52
C GLY A 76 24.60 -7.06 -22.49
N GLN A 77 24.45 -6.79 -23.78
CA GLN A 77 25.09 -7.60 -24.82
C GLN A 77 26.36 -6.95 -25.38
N GLY A 78 26.39 -5.63 -25.41
CA GLY A 78 27.55 -4.88 -25.90
C GLY A 78 27.77 -3.65 -25.04
N PHE A 79 29.04 -3.30 -24.85
CA PHE A 79 29.40 -2.25 -23.90
C PHE A 79 30.31 -1.20 -24.52
N ALA A 80 29.93 0.07 -24.38
CA ALA A 80 30.79 1.17 -24.79
C ALA A 80 31.41 1.75 -23.53
N LEU A 81 32.73 1.66 -23.45
CA LEU A 81 33.48 2.18 -22.30
C LEU A 81 34.06 3.52 -22.73
N VAL A 82 33.51 4.57 -22.15
CA VAL A 82 33.79 5.94 -22.58
C VAL A 82 34.68 6.65 -21.58
N TYR A 83 35.73 7.30 -22.09
CA TYR A 83 36.51 8.25 -21.32
C TYR A 83 36.54 9.59 -22.04
N SER A 84 37.03 10.62 -21.36
CA SER A 84 37.26 11.90 -22.01
C SER A 84 38.75 12.10 -22.26
N ILE A 85 39.09 12.53 -23.47
CA ILE A 85 40.49 12.79 -23.83
C ILE A 85 41.07 13.97 -23.03
N THR A 86 40.20 14.72 -22.35
CA THR A 86 40.63 15.89 -21.57
C THR A 86 40.86 15.57 -20.09
N ALA A 87 40.57 14.33 -19.68
CA ALA A 87 40.65 13.94 -18.27
C ALA A 87 41.31 12.57 -18.07
N GLN A 88 42.56 12.58 -17.61
CA GLN A 88 43.34 11.35 -17.46
C GLN A 88 42.70 10.32 -16.52
N SER A 89 42.12 10.80 -15.43
CA SER A 89 41.50 9.92 -14.43
C SER A 89 40.37 9.06 -15.02
N THR A 90 39.63 9.63 -15.97
CA THR A 90 38.51 8.91 -16.59
C THR A 90 39.00 7.77 -17.46
N PHE A 91 40.18 7.94 -18.04
CA PHE A 91 40.83 6.89 -18.81
C PHE A 91 41.32 5.78 -17.86
N ASN A 92 41.97 6.17 -16.77
CA ASN A 92 42.50 5.23 -15.77
C ASN A 92 41.41 4.38 -15.12
N ASP A 93 40.21 4.94 -15.01
CA ASP A 93 39.07 4.26 -14.39
C ASP A 93 38.53 3.08 -15.18
N LEU A 94 38.86 3.02 -16.47
CA LEU A 94 38.22 2.03 -17.35
C LEU A 94 38.64 0.58 -17.14
N GLN A 95 39.88 0.37 -16.71
CA GLN A 95 40.39 -0.99 -16.47
C GLN A 95 39.49 -1.77 -15.50
N ASP A 96 39.10 -1.15 -14.40
CA ASP A 96 38.24 -1.78 -13.40
C ASP A 96 36.86 -2.13 -13.95
N LEU A 97 36.30 -1.26 -14.79
CA LEU A 97 35.00 -1.51 -15.41
C LEU A 97 35.04 -2.73 -16.32
N ARG A 98 36.07 -2.82 -17.15
CA ARG A 98 36.31 -3.98 -18.02
CA ARG A 98 36.22 -3.99 -18.02
C ARG A 98 36.37 -5.27 -17.21
N GLU A 99 37.16 -5.23 -16.15
CA GLU A 99 37.33 -6.40 -15.28
C GLU A 99 36.01 -6.85 -14.66
N GLN A 100 35.18 -5.89 -14.25
CA GLN A 100 33.86 -6.18 -13.72
C GLN A 100 32.98 -6.89 -14.76
N ILE A 101 32.95 -6.34 -15.97
CA ILE A 101 32.15 -6.90 -17.07
C ILE A 101 32.52 -8.36 -17.34
N LEU A 102 33.81 -8.61 -17.55
CA LEU A 102 34.29 -9.95 -17.89
C LEU A 102 34.02 -10.96 -16.78
N ARG A 103 34.13 -10.51 -15.53
CA ARG A 103 33.86 -11.34 -14.36
C ARG A 103 32.36 -11.68 -14.25
N VAL A 104 31.52 -10.68 -14.46
CA VAL A 104 30.06 -10.85 -14.42
C VAL A 104 29.57 -11.74 -15.57
N LYS A 105 30.16 -11.55 -16.75
CA LYS A 105 29.81 -12.35 -17.93
C LYS A 105 30.41 -13.75 -17.88
N ASP A 106 31.46 -13.91 -17.07
CA ASP A 106 32.19 -15.18 -16.91
C ASP A 106 32.86 -15.61 -18.22
N THR A 107 33.28 -14.63 -19.01
CA THR A 107 33.98 -14.86 -20.28
C THR A 107 34.83 -13.64 -20.67
N GLU A 108 35.76 -13.85 -21.59
CA GLU A 108 36.65 -12.78 -22.06
C GLU A 108 36.17 -12.20 -23.39
N ASP A 109 35.34 -12.96 -24.10
CA ASP A 109 34.82 -12.59 -25.41
C ASP A 109 33.46 -11.88 -25.27
N VAL A 110 33.51 -10.60 -24.91
CA VAL A 110 32.32 -9.77 -24.75
C VAL A 110 32.41 -8.59 -25.70
N PRO A 111 31.36 -8.35 -26.52
CA PRO A 111 31.31 -7.18 -27.41
C PRO A 111 31.55 -5.88 -26.66
N MET A 112 32.55 -5.13 -27.09
CA MET A 112 33.01 -3.97 -26.35
C MET A 112 33.67 -2.99 -27.30
N ILE A 113 33.56 -1.71 -26.96
CA ILE A 113 34.29 -0.67 -27.69
C ILE A 113 34.82 0.37 -26.72
N LEU A 114 36.09 0.74 -26.92
CA LEU A 114 36.74 1.77 -26.13
C LEU A 114 36.55 3.09 -26.85
N VAL A 115 36.03 4.09 -26.14
CA VAL A 115 35.68 5.37 -26.77
C VAL A 115 36.33 6.55 -26.05
N GLY A 116 37.21 7.25 -26.78
CA GLY A 116 37.82 8.49 -26.29
C GLY A 116 37.02 9.67 -26.79
N ASN A 117 36.12 10.18 -25.95
CA ASN A 117 35.22 11.26 -26.32
C ASN A 117 35.79 12.67 -26.12
N LYS A 118 35.11 13.65 -26.70
CA LYS A 118 35.49 15.07 -26.66
C LYS A 118 36.72 15.38 -27.51
N CYS A 119 36.83 14.68 -28.65
CA CYS A 119 37.99 14.84 -29.55
C CYS A 119 37.97 16.18 -30.29
N ASP A 120 36.89 16.93 -30.15
CA ASP A 120 36.82 18.31 -30.67
C ASP A 120 37.61 19.30 -29.80
N LEU A 121 37.86 18.91 -28.54
CA LEU A 121 38.60 19.77 -27.61
C LEU A 121 40.10 19.48 -27.67
N GLU A 122 40.66 19.60 -28.87
CA GLU A 122 42.06 19.25 -29.15
C GLU A 122 43.06 20.02 -28.29
N ASP A 123 42.73 21.28 -27.98
CA ASP A 123 43.58 22.15 -27.15
C ASP A 123 43.63 21.74 -25.68
N GLU A 124 42.67 20.90 -25.27
CA GLU A 124 42.59 20.44 -23.88
C GLU A 124 42.95 18.96 -23.73
N ARG A 125 43.49 18.37 -24.80
CA ARG A 125 43.84 16.95 -24.80
C ARG A 125 44.92 16.64 -23.77
N VAL A 126 44.63 15.62 -22.95
CA VAL A 126 45.58 15.09 -21.98
C VAL A 126 45.89 13.63 -22.33
N VAL A 127 44.86 12.90 -22.77
CA VAL A 127 45.04 11.51 -23.16
C VAL A 127 45.33 11.41 -24.66
N GLY A 128 46.60 11.20 -25.00
CA GLY A 128 47.00 11.03 -26.40
C GLY A 128 46.36 9.79 -26.98
N LYS A 129 46.10 9.79 -28.29
CA LYS A 129 45.46 8.65 -28.95
C LYS A 129 46.23 7.34 -28.76
N GLU A 130 47.55 7.45 -28.59
CA GLU A 130 48.39 6.27 -28.39
C GLU A 130 48.09 5.53 -27.09
N GLN A 131 47.64 6.26 -26.07
CA GLN A 131 47.19 5.64 -24.82
C GLN A 131 45.99 4.72 -25.05
N GLY A 132 44.99 5.23 -25.78
CA GLY A 132 43.82 4.45 -26.14
C GLY A 132 44.18 3.24 -26.98
N GLN A 133 45.07 3.46 -27.96
CA GLN A 133 45.56 2.37 -28.81
C GLN A 133 46.29 1.30 -28.01
N ASN A 134 47.13 1.73 -27.06
CA ASN A 134 47.84 0.79 -26.17
C ASN A 134 46.89 -0.01 -25.28
N LEU A 135 45.85 0.65 -24.77
CA LEU A 135 44.86 -0.03 -23.94
C LEU A 135 44.07 -1.05 -24.77
N ALA A 136 43.67 -0.66 -25.98
CA ALA A 136 43.02 -1.57 -26.91
C ALA A 136 43.88 -2.81 -27.17
N ARG A 137 45.19 -2.60 -27.29
CA ARG A 137 46.14 -3.69 -27.51
CA ARG A 137 46.14 -3.70 -27.51
C ARG A 137 46.19 -4.62 -26.29
N GLN A 138 46.21 -4.03 -25.09
CA GLN A 138 46.17 -4.81 -23.85
C GLN A 138 44.92 -5.68 -23.79
N TRP A 139 43.82 -5.14 -24.31
CA TRP A 139 42.53 -5.83 -24.32
C TRP A 139 42.34 -6.68 -25.55
N CYS A 140 43.44 -7.23 -26.07
CA CYS A 140 43.42 -8.14 -27.22
C CYS A 140 42.70 -7.57 -28.44
N ASN A 141 43.11 -6.37 -28.84
CA ASN A 141 42.57 -5.69 -30.01
C ASN A 141 41.08 -5.36 -29.85
N CYS A 142 40.73 -4.76 -28.71
CA CYS A 142 39.39 -4.23 -28.50
C CYS A 142 39.18 -3.09 -29.49
N ALA A 143 37.97 -3.00 -30.03
CA ALA A 143 37.61 -1.88 -30.90
C ALA A 143 37.85 -0.56 -30.17
N PHE A 144 38.36 0.43 -30.90
CA PHE A 144 38.71 1.72 -30.33
C PHE A 144 38.46 2.85 -31.31
N LEU A 145 37.80 3.90 -30.83
CA LEU A 145 37.50 5.10 -31.62
CA LEU A 145 37.63 5.11 -31.63
C LEU A 145 37.65 6.35 -30.76
N GLU A 146 38.00 7.47 -31.39
CA GLU A 146 37.88 8.76 -30.74
C GLU A 146 36.68 9.47 -31.33
N SER A 147 35.87 10.04 -30.46
CA SER A 147 34.57 10.58 -30.87
C SER A 147 34.36 11.98 -30.35
N SER A 148 33.35 12.64 -30.92
CA SER A 148 32.87 13.90 -30.37
C SER A 148 31.35 13.94 -30.51
N ALA A 149 30.67 14.04 -29.38
CA ALA A 149 29.22 14.23 -29.37
C ALA A 149 28.83 15.59 -29.94
N LYS A 150 29.74 16.55 -29.82
CA LYS A 150 29.48 17.92 -30.27
C LYS A 150 29.61 18.08 -31.79
N SER A 151 30.68 17.52 -32.35
N SER A 151 30.72 17.61 -32.35
CA SER A 151 30.92 17.55 -33.79
CA SER A 151 31.03 17.82 -33.76
C SER A 151 30.25 16.38 -34.53
C SER A 151 30.62 16.63 -34.62
N LYS A 152 29.87 15.36 -33.77
N LYS A 152 29.90 15.70 -34.02
CA LYS A 152 29.21 14.17 -34.33
CA LYS A 152 29.36 14.55 -34.75
C LYS A 152 30.19 13.12 -34.85
C LYS A 152 30.44 13.73 -35.43
N ILE A 153 31.48 13.38 -34.68
CA ILE A 153 32.55 12.50 -35.17
C ILE A 153 32.47 11.12 -34.50
N ASN A 154 32.32 10.08 -35.33
CA ASN A 154 32.33 8.68 -34.88
CA ASN A 154 32.33 8.68 -34.88
C ASN A 154 31.22 8.31 -33.90
N VAL A 155 30.14 9.09 -33.89
CA VAL A 155 29.04 8.83 -32.96
C VAL A 155 28.27 7.56 -33.36
N ASN A 156 27.79 7.52 -34.60
CA ASN A 156 27.05 6.35 -35.08
C ASN A 156 27.89 5.09 -35.03
N GLU A 157 29.16 5.24 -35.38
CA GLU A 157 30.13 4.14 -35.44
C GLU A 157 30.24 3.36 -34.12
N ILE A 158 30.13 4.06 -33.00
CA ILE A 158 30.16 3.43 -31.67
C ILE A 158 29.13 2.31 -31.58
N PHE A 159 27.88 2.65 -31.91
CA PHE A 159 26.76 1.74 -31.72
C PHE A 159 26.70 0.70 -32.81
N TYR A 160 26.97 1.10 -34.06
CA TYR A 160 27.00 0.16 -35.18
C TYR A 160 28.06 -0.93 -34.98
N ASP A 161 29.22 -0.55 -34.44
CA ASP A 161 30.29 -1.52 -34.24
C ASP A 161 29.91 -2.57 -33.21
N LEU A 162 29.24 -2.14 -32.14
CA LEU A 162 28.73 -3.07 -31.13
C LEU A 162 27.74 -4.05 -31.72
N VAL A 163 26.82 -3.55 -32.55
CA VAL A 163 25.87 -4.42 -33.27
C VAL A 163 26.62 -5.46 -34.10
N ARG A 164 27.63 -5.00 -34.84
CA ARG A 164 28.44 -5.88 -35.68
C ARG A 164 29.15 -6.97 -34.87
N GLN A 165 29.66 -6.59 -33.69
CA GLN A 165 30.31 -7.54 -32.79
C GLN A 165 29.33 -8.58 -32.23
N ILE A 166 28.12 -8.12 -31.92
CA ILE A 166 27.07 -9.03 -31.42
C ILE A 166 26.64 -10.00 -32.52
N ASN A 167 26.63 -9.52 -33.76
CA ASN A 167 26.25 -10.33 -34.93
C ASN A 167 27.25 -11.44 -35.27
N ARG A 168 28.53 -11.15 -35.04
CA ARG A 168 29.61 -12.08 -35.38
C ARG A 168 29.56 -13.38 -34.57
N MET B 1 15.39 16.45 3.93
CA MET B 1 14.38 16.53 2.84
C MET B 1 14.22 15.18 2.15
N LYS B 2 12.99 14.69 2.06
CA LYS B 2 12.68 13.44 1.41
C LYS B 2 13.01 13.54 -0.08
N LYS B 3 13.80 12.59 -0.57
CA LYS B 3 14.14 12.48 -1.99
C LYS B 3 13.61 11.16 -2.53
N LEU B 4 13.20 11.16 -3.79
CA LEU B 4 12.67 9.96 -4.42
C LEU B 4 13.16 9.86 -5.85
N VAL B 5 13.70 8.71 -6.23
CA VAL B 5 14.02 8.45 -7.63
C VAL B 5 12.75 7.96 -8.33
N VAL B 6 12.33 8.70 -9.36
CA VAL B 6 11.12 8.36 -10.10
C VAL B 6 11.50 7.99 -11.52
N LYS B 7 11.19 6.75 -11.90
CA LYS B 7 11.44 6.29 -13.26
C LYS B 7 10.26 6.70 -14.15
N VAL B 8 10.53 7.60 -15.09
CA VAL B 8 9.48 8.10 -15.98
C VAL B 8 9.52 7.36 -17.31
N HIS B 9 8.36 6.83 -17.72
CA HIS B 9 8.26 6.02 -18.94
C HIS B 9 7.67 6.80 -20.08
N MET B 10 8.29 6.72 -21.24
CA MET B 10 7.77 7.38 -22.44
C MET B 10 6.99 6.40 -23.32
N ASP B 11 6.20 6.91 -24.26
CA ASP B 11 5.35 6.05 -25.09
C ASP B 11 6.11 5.01 -25.90
N ASP B 12 7.36 5.32 -26.27
CA ASP B 12 8.20 4.36 -27.01
C ASP B 12 8.93 3.36 -26.10
N SER B 13 8.63 3.43 -24.80
CA SER B 13 9.20 2.57 -23.76
C SER B 13 10.60 2.99 -23.30
N SER B 14 11.12 4.09 -23.86
CA SER B 14 12.31 4.75 -23.31
C SER B 14 11.98 5.26 -21.90
N THR B 15 13.01 5.43 -21.07
CA THR B 15 12.80 5.85 -19.68
C THR B 15 13.84 6.88 -19.25
N LYS B 16 13.46 7.69 -18.27
CA LYS B 16 14.40 8.61 -17.62
C LYS B 16 14.13 8.56 -16.13
N SER B 17 15.18 8.28 -15.35
CA SER B 17 15.05 8.28 -13.89
C SER B 17 15.44 9.65 -13.37
N LEU B 18 14.52 10.27 -12.63
CA LEU B 18 14.72 11.61 -12.09
C LEU B 18 14.73 11.59 -10.57
N MET B 19 15.60 12.41 -9.97
CA MET B 19 15.57 12.63 -8.53
C MET B 19 14.53 13.71 -8.24
N VAL B 20 13.51 13.34 -7.47
CA VAL B 20 12.40 14.24 -7.17
C VAL B 20 12.35 14.45 -5.68
N ASP B 21 12.61 15.67 -5.23
CA ASP B 21 12.51 15.92 -3.79
C ASP B 21 11.07 16.25 -3.38
N GLU B 22 10.84 16.34 -2.07
CA GLU B 22 9.50 16.45 -1.52
C GLU B 22 8.80 17.79 -1.81
N ARG B 23 9.54 18.75 -2.35
CA ARG B 23 8.96 20.05 -2.69
C ARG B 23 8.48 20.16 -4.14
N GLN B 24 8.81 19.16 -4.97
CA GLN B 24 8.51 19.23 -6.41
C GLN B 24 7.05 18.99 -6.74
N LEU B 25 6.48 19.86 -7.56
CA LEU B 25 5.16 19.64 -8.12
C LEU B 25 5.30 18.95 -9.47
N ALA B 26 4.20 18.39 -9.97
CA ALA B 26 4.22 17.81 -11.32
C ALA B 26 4.74 18.81 -12.33
N ARG B 27 4.36 20.08 -12.15
CA ARG B 27 4.83 21.20 -12.99
C ARG B 27 6.36 21.24 -13.11
N ASP B 28 7.04 21.01 -12.00
CA ASP B 28 8.50 21.07 -11.94
C ASP B 28 9.11 19.87 -12.65
N VAL B 29 8.51 18.70 -12.46
CA VAL B 29 8.97 17.48 -13.12
C VAL B 29 8.77 17.61 -14.62
N LEU B 30 7.62 18.16 -15.03
CA LEU B 30 7.38 18.43 -16.45
C LEU B 30 8.41 19.38 -17.05
N ASP B 31 8.76 20.43 -16.32
CA ASP B 31 9.76 21.38 -16.81
C ASP B 31 11.09 20.67 -17.04
N ASN B 32 11.43 19.76 -16.14
CA ASN B 32 12.66 18.99 -16.26
C ASN B 32 12.60 18.06 -17.46
N LEU B 33 11.46 17.37 -17.61
CA LEU B 33 11.29 16.48 -18.75
C LEU B 33 11.27 17.21 -20.10
N PHE B 34 10.75 18.44 -20.14
CA PHE B 34 10.78 19.21 -21.38
C PHE B 34 12.23 19.43 -21.81
N GLU B 35 13.08 19.77 -20.85
CA GLU B 35 14.51 19.97 -21.11
C GLU B 35 15.19 18.68 -21.57
N LYS B 36 14.91 17.59 -20.87
CA LYS B 36 15.60 16.32 -21.11
C LYS B 36 15.16 15.57 -22.36
N THR B 37 13.88 15.69 -22.73
CA THR B 37 13.32 14.95 -23.86
C THR B 37 13.41 15.71 -25.18
N HIS B 38 13.59 17.03 -25.09
CA HIS B 38 13.61 17.91 -26.27
C HIS B 38 12.30 17.89 -27.02
N CYS B 39 11.20 17.74 -26.28
CA CYS B 39 9.88 17.70 -26.89
C CYS B 39 9.41 19.11 -27.27
N ASP B 40 8.25 19.21 -27.91
CA ASP B 40 7.77 20.52 -28.38
C ASP B 40 7.11 21.41 -27.30
N CYS B 41 6.99 20.88 -26.08
CA CYS B 41 6.50 21.62 -24.91
C CYS B 41 5.03 22.06 -25.00
N ASN B 42 4.24 21.38 -25.83
CA ASN B 42 2.83 21.76 -25.95
C ASN B 42 2.05 21.45 -24.66
N VAL B 43 0.87 22.05 -24.51
CA VAL B 43 0.13 21.97 -23.26
C VAL B 43 -0.45 20.58 -22.93
N ASP B 44 -0.40 19.66 -23.90
CA ASP B 44 -0.97 18.34 -23.70
C ASP B 44 -0.03 17.38 -22.97
N TRP B 45 1.28 17.64 -23.03
CA TRP B 45 2.24 16.83 -22.28
C TRP B 45 1.91 16.82 -20.82
N CYS B 46 1.95 15.64 -20.22
CA CYS B 46 1.61 15.53 -18.82
C CYS B 46 2.29 14.34 -18.17
N LEU B 47 2.24 14.31 -16.84
CA LEU B 47 2.55 13.10 -16.11
C LEU B 47 1.25 12.33 -15.98
N TYR B 48 1.35 11.01 -16.08
CA TYR B 48 0.19 10.14 -16.14
C TYR B 48 0.50 8.94 -15.27
N GLU B 49 -0.40 8.60 -14.36
CA GLU B 49 -0.12 7.43 -13.54
C GLU B 49 -1.00 6.28 -13.96
N ILE B 50 -0.39 5.10 -14.01
CA ILE B 50 -1.08 3.85 -14.35
CA ILE B 50 -1.14 3.89 -14.31
C ILE B 50 -1.02 2.88 -13.18
N TYR B 51 -2.15 2.24 -12.88
CA TYR B 51 -2.24 1.21 -11.85
C TYR B 51 -2.53 -0.10 -12.57
N PRO B 52 -1.52 -0.94 -12.82
CA PRO B 52 -1.79 -2.18 -13.57
C PRO B 52 -2.68 -3.19 -12.85
N GLU B 53 -2.68 -3.23 -11.52
CA GLU B 53 -3.51 -4.20 -10.79
C GLU B 53 -5.00 -3.83 -10.87
N LEU B 54 -5.34 -2.62 -10.45
CA LEU B 54 -6.71 -2.12 -10.54
C LEU B 54 -7.15 -1.80 -11.97
N GLN B 55 -6.17 -1.68 -12.88
CA GLN B 55 -6.43 -1.26 -14.27
C GLN B 55 -7.18 0.05 -14.33
N ILE B 56 -6.58 1.05 -13.69
CA ILE B 56 -7.09 2.42 -13.75
C ILE B 56 -5.91 3.35 -14.07
N GLU B 57 -6.22 4.55 -14.52
CA GLU B 57 -5.16 5.50 -14.88
C GLU B 57 -5.68 6.93 -14.88
N ARG B 58 -4.79 7.90 -14.66
CA ARG B 58 -5.21 9.30 -14.68
C ARG B 58 -4.05 10.24 -14.96
N VAL B 59 -4.40 11.41 -15.46
CA VAL B 59 -3.43 12.51 -15.51
C VAL B 59 -3.12 13.01 -14.10
N PHE B 60 -1.85 13.36 -13.84
CA PHE B 60 -1.52 14.19 -12.67
C PHE B 60 -1.97 15.59 -13.02
N GLU B 61 -2.55 16.33 -12.07
CA GLU B 61 -2.70 17.76 -12.30
C GLU B 61 -1.36 18.44 -12.00
N ASP B 62 -1.09 19.55 -12.66
CA ASP B 62 0.26 20.11 -12.65
C ASP B 62 0.70 20.64 -11.28
N HIS B 63 -0.26 20.94 -10.40
CA HIS B 63 0.04 21.48 -9.08
C HIS B 63 0.23 20.40 -8.03
N GLU B 64 0.02 19.15 -8.40
CA GLU B 64 0.11 18.06 -7.42
C GLU B 64 1.55 17.77 -7.01
N ASN B 65 1.74 17.50 -5.72
CA ASN B 65 3.04 17.15 -5.19
C ASN B 65 3.37 15.70 -5.54
N VAL B 66 4.45 15.50 -6.29
CA VAL B 66 4.75 14.18 -6.86
C VAL B 66 5.08 13.13 -5.79
N VAL B 67 5.93 13.49 -4.85
CA VAL B 67 6.28 12.59 -3.75
C VAL B 67 5.03 12.18 -2.95
N GLU B 68 4.13 13.13 -2.71
CA GLU B 68 2.88 12.85 -1.99
CA GLU B 68 2.87 12.86 -2.00
C GLU B 68 2.00 11.84 -2.72
N VAL B 69 1.85 12.00 -4.04
CA VAL B 69 1.05 11.07 -4.83
C VAL B 69 1.67 9.67 -4.76
N LEU B 70 2.97 9.59 -4.97
CA LEU B 70 3.65 8.30 -4.99
C LEU B 70 3.76 7.66 -3.60
N SER B 71 3.59 8.46 -2.54
CA SER B 71 3.68 7.94 -1.16
C SER B 71 2.61 6.92 -0.85
N ASP B 72 1.52 6.94 -1.62
CA ASP B 72 0.40 6.02 -1.44
C ASP B 72 0.69 4.65 -2.05
N TRP B 73 1.67 4.58 -2.95
CA TRP B 73 2.05 3.31 -3.58
C TRP B 73 2.63 2.33 -2.60
N THR B 74 2.33 1.05 -2.80
CA THR B 74 2.84 -0.02 -1.96
C THR B 74 4.30 -0.31 -2.28
N ARG B 75 4.99 -1.05 -1.40
CA ARG B 75 6.41 -1.35 -1.58
C ARG B 75 6.72 -2.10 -2.88
N ASP B 76 5.87 -3.07 -3.20
CA ASP B 76 6.09 -3.90 -4.39
CA ASP B 76 6.04 -3.93 -4.37
C ASP B 76 5.15 -3.49 -5.54
N THR B 77 4.82 -2.20 -5.58
CA THR B 77 3.86 -1.69 -6.56
C THR B 77 4.24 -1.96 -8.02
N GLU B 78 3.21 -2.17 -8.84
CA GLU B 78 3.33 -2.25 -10.29
C GLU B 78 3.08 -0.88 -10.93
N ASN B 79 2.68 0.11 -10.13
CA ASN B 79 2.33 1.43 -10.67
C ASN B 79 3.48 2.09 -11.38
N LYS B 80 3.15 2.90 -12.40
CA LYS B 80 4.16 3.62 -13.16
C LYS B 80 3.74 5.04 -13.46
N VAL B 81 4.75 5.92 -13.57
CA VAL B 81 4.58 7.29 -14.03
C VAL B 81 5.00 7.34 -15.50
N LEU B 82 4.11 7.84 -16.33
CA LEU B 82 4.38 8.01 -17.76
C LEU B 82 4.41 9.49 -18.12
N PHE B 83 5.13 9.82 -19.19
CA PHE B 83 5.17 11.17 -19.74
C PHE B 83 4.59 11.04 -21.14
N LEU B 84 3.39 11.60 -21.32
CA LEU B 84 2.55 11.39 -22.51
CA LEU B 84 2.72 11.49 -22.61
C LEU B 84 1.76 12.65 -22.86
N GLU B 85 1.27 12.73 -24.09
CA GLU B 85 0.35 13.79 -24.49
C GLU B 85 -1.08 13.33 -24.25
N LYS B 86 -1.83 14.13 -23.50
CA LYS B 86 -3.23 13.83 -23.22
C LYS B 86 -4.05 15.08 -23.52
N GLU B 87 -4.59 15.13 -24.74
CA GLU B 87 -5.25 16.36 -25.19
C GLU B 87 -6.57 16.66 -24.50
N GLU B 88 -7.13 15.69 -23.78
CA GLU B 88 -8.34 15.92 -23.01
C GLU B 88 -8.08 16.73 -21.74
N ARG B 89 -6.82 16.81 -21.31
CA ARG B 89 -6.54 17.36 -19.97
C ARG B 89 -6.94 18.84 -19.84
N TYR B 90 -6.75 19.61 -20.91
CA TYR B 90 -7.15 21.03 -20.91
C TYR B 90 -8.20 21.34 -21.95
N ALA B 91 -9.03 20.34 -22.26
CA ALA B 91 -10.03 20.47 -23.32
C ALA B 91 -10.96 21.66 -23.13
N VAL B 92 -11.38 21.91 -21.88
CA VAL B 92 -12.29 23.01 -21.59
C VAL B 92 -11.67 24.37 -21.88
N PHE B 93 -10.35 24.48 -21.78
CA PHE B 93 -9.72 25.77 -21.99
C PHE B 93 -9.48 26.06 -23.46
N LYS B 94 -9.44 25.02 -24.28
CA LYS B 94 -9.30 25.21 -25.72
C LYS B 94 -10.66 25.41 -26.35
N ASN B 95 -11.65 24.68 -25.84
CA ASN B 95 -13.01 24.72 -26.38
C ASN B 95 -14.07 24.71 -25.29
N PRO B 96 -14.20 25.84 -24.55
CA PRO B 96 -15.15 25.87 -23.44
C PRO B 96 -16.60 25.66 -23.87
N GLN B 97 -16.91 26.03 -25.12
CA GLN B 97 -18.24 25.89 -25.68
C GLN B 97 -18.69 24.42 -25.79
N ASN B 98 -17.74 23.50 -25.71
CA ASN B 98 -18.02 22.07 -25.78
C ASN B 98 -18.44 21.47 -24.45
N PHE B 99 -18.28 22.25 -23.38
CA PHE B 99 -18.59 21.78 -22.02
C PHE B 99 -19.64 22.66 -21.33
N TYR B 100 -19.59 23.96 -21.59
CA TYR B 100 -20.59 24.89 -21.08
C TYR B 100 -21.67 25.06 -22.14
N LEU B 101 -22.68 24.20 -22.06
CA LEU B 101 -23.73 24.10 -23.06
C LEU B 101 -24.99 24.79 -22.56
N MET B 116 -17.66 28.54 -31.94
CA MET B 116 -17.43 29.77 -31.17
C MET B 116 -16.09 30.42 -31.54
N ASN B 117 -16.10 31.74 -31.71
CA ASN B 117 -14.88 32.48 -31.99
C ASN B 117 -14.03 32.69 -30.72
N ALA B 118 -12.82 33.20 -30.90
CA ALA B 118 -11.86 33.36 -29.81
C ALA B 118 -12.36 34.33 -28.73
N LYS B 119 -12.99 35.43 -29.16
CA LYS B 119 -13.52 36.45 -28.27
C LYS B 119 -14.55 35.87 -27.30
N ASN B 120 -15.51 35.12 -27.84
CA ASN B 120 -16.56 34.54 -27.02
C ASN B 120 -16.07 33.40 -26.13
N LYS B 121 -15.09 32.65 -26.61
CA LYS B 121 -14.43 31.63 -25.79
C LYS B 121 -13.79 32.29 -24.57
N GLU B 122 -13.14 33.43 -24.78
CA GLU B 122 -12.49 34.16 -23.70
C GLU B 122 -13.51 34.71 -22.70
N TYR B 123 -14.61 35.27 -23.19
CA TYR B 123 -15.69 35.72 -22.32
C TYR B 123 -16.23 34.58 -21.46
N LEU B 124 -16.39 33.41 -22.08
CA LEU B 124 -16.94 32.24 -21.41
C LEU B 124 -16.02 31.76 -20.28
N LEU B 125 -14.71 31.76 -20.53
CA LEU B 125 -13.74 31.36 -19.52
C LEU B 125 -13.62 32.36 -18.38
N GLU B 126 -13.72 33.64 -18.71
CA GLU B 126 -13.75 34.69 -17.69
C GLU B 126 -14.93 34.50 -16.75
N GLU B 127 -16.11 34.26 -17.33
CA GLU B 127 -17.33 34.02 -16.56
CA GLU B 127 -17.34 34.01 -16.57
C GLU B 127 -17.21 32.79 -15.68
N SER B 128 -16.57 31.74 -16.20
CA SER B 128 -16.55 30.45 -15.54
C SER B 128 -15.43 30.27 -14.50
N PHE B 129 -14.32 30.97 -14.67
CA PHE B 129 -13.15 30.75 -13.82
C PHE B 129 -12.62 31.98 -13.12
N CYS B 130 -12.96 33.16 -13.63
CA CYS B 130 -12.30 34.39 -13.17
C CYS B 130 -13.16 35.24 -12.25
N GLY B 131 -14.37 34.78 -11.95
CA GLY B 131 -15.27 35.49 -11.03
C GLY B 131 -14.98 35.11 -9.58
N THR B 132 -15.86 35.55 -8.67
CA THR B 132 -15.68 35.27 -7.25
CA THR B 132 -15.74 35.26 -7.23
C THR B 132 -15.64 33.77 -6.94
N SER B 133 -16.49 32.99 -7.61
CA SER B 133 -16.50 31.54 -7.50
C SER B 133 -16.56 30.96 -8.90
N ILE B 134 -16.03 29.74 -9.05
CA ILE B 134 -16.07 29.07 -10.34
CA ILE B 134 -16.04 29.03 -10.32
C ILE B 134 -17.49 28.67 -10.70
N ILE B 135 -17.74 28.57 -12.01
CA ILE B 135 -18.99 28.00 -12.48
CA ILE B 135 -18.99 28.01 -12.50
C ILE B 135 -18.66 26.64 -13.07
N VAL B 136 -19.30 25.61 -12.54
CA VAL B 136 -19.14 24.24 -13.02
CA VAL B 136 -19.10 24.26 -13.06
C VAL B 136 -20.14 24.00 -14.15
N PRO B 137 -19.77 23.21 -15.19
CA PRO B 137 -20.78 22.96 -16.23
C PRO B 137 -22.04 22.32 -15.64
N GLU B 138 -23.19 22.67 -16.21
CA GLU B 138 -24.46 22.17 -15.70
C GLU B 138 -24.78 20.77 -16.22
N LEU B 139 -23.89 19.84 -15.86
CA LEU B 139 -23.92 18.49 -16.40
C LEU B 139 -24.80 17.59 -15.57
N GLU B 140 -25.69 16.88 -16.23
CA GLU B 140 -26.47 15.84 -15.57
C GLU B 140 -26.84 14.78 -16.59
N GLY B 141 -27.14 13.59 -16.10
CA GLY B 141 -27.52 12.51 -16.98
C GLY B 141 -27.43 11.15 -16.33
N ALA B 142 -27.85 10.14 -17.06
CA ALA B 142 -27.83 8.79 -16.55
C ALA B 142 -26.44 8.21 -16.75
N LEU B 143 -26.00 7.45 -15.75
CA LEU B 143 -24.76 6.69 -15.84
C LEU B 143 -25.07 5.32 -15.26
N TYR B 144 -24.24 4.34 -15.58
CA TYR B 144 -24.37 3.02 -14.97
C TYR B 144 -23.41 2.93 -13.79
N LEU B 145 -23.95 2.63 -12.61
CA LEU B 145 -23.14 2.48 -11.40
C LEU B 145 -22.97 1.01 -11.06
N LYS B 146 -21.73 0.57 -10.92
CA LYS B 146 -21.43 -0.81 -10.56
C LYS B 146 -21.85 -1.09 -9.11
N GLU B 147 -22.48 -2.24 -8.88
CA GLU B 147 -22.76 -2.67 -7.50
C GLU B 147 -21.50 -3.21 -6.84
N ASP B 148 -21.33 -2.90 -5.57
CA ASP B 148 -20.13 -3.30 -4.83
C ASP B 148 -19.90 -4.81 -4.91
N GLY B 149 -18.72 -5.21 -5.41
CA GLY B 149 -18.31 -6.62 -5.43
C GLY B 149 -19.04 -7.52 -6.41
N LYS B 150 -19.85 -6.94 -7.29
CA LYS B 150 -20.67 -7.71 -8.23
C LYS B 150 -20.47 -7.24 -9.66
N LYS B 151 -20.63 -8.16 -10.61
CA LYS B 151 -20.60 -7.83 -12.03
C LYS B 151 -21.99 -7.41 -12.46
N SER B 152 -22.48 -6.37 -11.79
CA SER B 152 -23.84 -5.89 -11.93
C SER B 152 -23.85 -4.37 -11.94
N TRP B 153 -24.70 -3.78 -12.77
CA TRP B 153 -24.74 -2.34 -12.97
C TRP B 153 -26.16 -1.84 -12.90
N LYS B 154 -26.32 -0.64 -12.35
CA LYS B 154 -27.63 -0.01 -12.26
C LYS B 154 -27.60 1.37 -12.89
N ARG B 155 -28.50 1.61 -13.85
CA ARG B 155 -28.61 2.92 -14.45
C ARG B 155 -29.27 3.91 -13.48
N ARG B 156 -28.58 5.01 -13.23
CA ARG B 156 -29.04 6.02 -12.28
C ARG B 156 -28.79 7.41 -12.83
N TYR B 157 -29.61 8.36 -12.40
CA TYR B 157 -29.46 9.74 -12.82
C TYR B 157 -28.61 10.52 -11.84
N PHE B 158 -27.57 11.17 -12.36
CA PHE B 158 -26.62 11.92 -11.54
C PHE B 158 -26.50 13.38 -11.98
N LEU B 159 -26.15 14.23 -11.03
CA LEU B 159 -26.00 15.66 -11.29
C LEU B 159 -24.64 16.13 -10.78
N LEU B 160 -23.92 16.85 -11.64
CA LEU B 160 -22.63 17.42 -11.24
C LEU B 160 -22.84 18.72 -10.48
N ARG B 161 -22.17 18.84 -9.33
CA ARG B 161 -22.16 20.08 -8.55
C ARG B 161 -20.72 20.40 -8.17
N ALA B 162 -20.47 21.62 -7.70
CA ALA B 162 -19.09 22.02 -7.35
C ALA B 162 -18.41 21.08 -6.35
N SER B 163 -19.18 20.59 -5.38
CA SER B 163 -18.64 19.80 -4.27
C SER B 163 -18.65 18.30 -4.50
N GLY B 164 -19.43 17.83 -5.47
CA GLY B 164 -19.57 16.39 -5.66
C GLY B 164 -20.61 16.00 -6.67
N ILE B 165 -20.91 14.71 -6.71
CA ILE B 165 -21.97 14.20 -7.58
C ILE B 165 -23.18 13.95 -6.71
N TYR B 166 -24.34 14.41 -7.20
CA TYR B 166 -25.60 14.29 -6.49
C TYR B 166 -26.62 13.48 -7.27
N TYR B 167 -27.73 13.17 -6.61
CA TYR B 167 -28.86 12.48 -7.22
C TYR B 167 -30.15 12.86 -6.49
N VAL B 168 -31.29 12.59 -7.12
CA VAL B 168 -32.59 12.78 -6.47
C VAL B 168 -32.99 11.51 -5.70
N PRO B 169 -33.19 11.63 -4.38
CA PRO B 169 -33.57 10.47 -3.56
C PRO B 169 -34.90 9.87 -4.04
N LYS B 170 -34.99 8.55 -4.02
CA LYS B 170 -36.16 7.81 -4.48
C LYS B 170 -37.46 8.34 -3.86
N GLY B 171 -38.35 8.85 -4.73
CA GLY B 171 -39.62 9.43 -4.29
C GLY B 171 -39.67 10.93 -4.42
N LYS B 172 -38.50 11.58 -4.38
CA LYS B 172 -38.41 13.04 -4.44
C LYS B 172 -37.65 13.48 -5.71
N THR B 173 -37.84 14.73 -6.12
CA THR B 173 -37.23 15.24 -7.36
C THR B 173 -36.44 16.55 -7.17
N LYS B 174 -36.59 17.47 -8.13
CA LYS B 174 -35.76 18.67 -8.26
C LYS B 174 -35.73 19.61 -7.06
N THR B 175 -34.52 19.85 -6.56
CA THR B 175 -34.24 20.74 -5.43
C THR B 175 -32.90 21.46 -5.77
N SER B 176 -32.37 22.41 -4.98
CA SER B 176 -32.68 22.79 -3.58
C SER B 176 -32.04 21.81 -2.57
N ARG B 177 -32.27 22.02 -1.28
CA ARG B 177 -31.63 21.21 -0.24
C ARG B 177 -32.38 19.91 0.07
N ASP B 178 -32.55 19.10 -0.96
CA ASP B 178 -33.11 17.75 -0.82
C ASP B 178 -32.34 16.76 -1.72
N LEU B 179 -31.43 17.30 -2.53
CA LEU B 179 -30.52 16.46 -3.32
C LEU B 179 -29.55 15.74 -2.40
N ALA B 180 -29.50 14.42 -2.54
CA ALA B 180 -28.58 13.59 -1.76
C ALA B 180 -27.22 13.50 -2.44
N CYS B 181 -26.16 13.52 -1.64
CA CYS B 181 -24.81 13.45 -2.17
C CYS B 181 -24.37 12.00 -2.35
N PHE B 182 -23.92 11.67 -3.57
CA PHE B 182 -23.37 10.36 -3.87
C PHE B 182 -21.90 10.30 -3.43
N ILE B 183 -21.12 11.29 -3.85
CA ILE B 183 -19.71 11.38 -3.49
CA ILE B 183 -19.69 11.37 -3.54
C ILE B 183 -19.26 12.83 -3.46
N GLN B 184 -18.36 13.14 -2.51
CA GLN B 184 -17.74 14.45 -2.43
CA GLN B 184 -17.73 14.45 -2.42
C GLN B 184 -16.36 14.39 -3.08
N PHE B 185 -16.06 15.38 -3.92
CA PHE B 185 -14.80 15.35 -4.67
C PHE B 185 -13.54 15.53 -3.82
N GLU B 186 -13.66 16.14 -2.65
CA GLU B 186 -12.48 16.29 -1.82
C GLU B 186 -11.93 14.93 -1.37
N ASN B 187 -12.76 13.90 -1.47
CA ASN B 187 -12.47 12.56 -0.97
C ASN B 187 -11.97 11.56 -2.01
N VAL B 188 -11.87 12.00 -3.27
CA VAL B 188 -11.53 11.06 -4.34
C VAL B 188 -10.69 11.72 -5.42
N ASN B 189 -9.87 10.93 -6.09
CA ASN B 189 -9.37 11.29 -7.41
C ASN B 189 -10.25 10.65 -8.47
N ILE B 190 -10.19 11.16 -9.69
CA ILE B 190 -10.94 10.57 -10.81
C ILE B 190 -9.97 9.92 -11.81
N TYR B 191 -10.31 8.69 -12.21
CA TYR B 191 -9.45 7.90 -13.09
C TYR B 191 -10.27 7.36 -14.25
N TYR B 192 -9.60 6.95 -15.31
CA TYR B 192 -10.24 6.11 -16.32
C TYR B 192 -10.21 4.68 -15.86
N GLY B 193 -11.31 3.97 -16.06
CA GLY B 193 -11.36 2.53 -15.82
C GLY B 193 -11.07 1.81 -17.13
N ILE B 194 -10.14 0.86 -17.10
CA ILE B 194 -9.72 0.10 -18.28
C ILE B 194 -10.27 -1.33 -18.21
N GLN B 195 -10.81 -1.81 -19.33
CA GLN B 195 -11.35 -3.18 -19.47
CA GLN B 195 -11.33 -3.19 -19.46
C GLN B 195 -12.46 -3.52 -18.48
N CYS B 196 -13.27 -2.52 -18.12
CA CYS B 196 -14.39 -2.78 -17.21
C CYS B 196 -15.48 -3.62 -17.87
N LYS B 197 -15.61 -3.50 -19.18
CA LYS B 197 -16.55 -4.34 -19.92
C LYS B 197 -16.18 -5.83 -19.74
N MET B 198 -14.92 -6.17 -20.04
CA MET B 198 -14.46 -7.55 -19.90
CA MET B 198 -14.44 -7.54 -19.90
C MET B 198 -14.49 -8.02 -18.44
N LYS B 199 -13.97 -7.20 -17.54
CA LYS B 199 -13.84 -7.62 -16.15
C LYS B 199 -15.13 -7.68 -15.37
N TYR B 200 -16.01 -6.71 -15.59
CA TYR B 200 -17.15 -6.51 -14.68
C TYR B 200 -18.48 -6.49 -15.39
N LYS B 201 -18.47 -6.77 -16.69
CA LYS B 201 -19.68 -6.72 -17.52
C LYS B 201 -20.27 -5.30 -17.59
N ALA B 202 -19.41 -4.29 -17.55
CA ALA B 202 -19.86 -2.91 -17.80
C ALA B 202 -20.54 -2.91 -19.16
N PRO B 203 -21.66 -2.19 -19.31
CA PRO B 203 -22.29 -2.15 -20.64
C PRO B 203 -21.39 -1.62 -21.77
N THR B 204 -20.45 -0.73 -21.45
CA THR B 204 -19.46 -0.23 -22.41
C THR B 204 -18.09 -0.13 -21.73
N ASP B 205 -17.06 0.18 -22.51
CA ASP B 205 -15.74 0.48 -21.93
C ASP B 205 -15.49 1.96 -21.65
N HIS B 206 -16.55 2.78 -21.74
CA HIS B 206 -16.43 4.22 -21.45
C HIS B 206 -16.65 4.47 -19.98
N CYS B 207 -15.64 4.11 -19.18
CA CYS B 207 -15.80 4.11 -17.72
CA CYS B 207 -15.78 4.07 -17.72
C CYS B 207 -14.85 5.05 -17.00
N PHE B 208 -15.38 5.69 -15.96
CA PHE B 208 -14.53 6.44 -15.04
C PHE B 208 -14.67 5.87 -13.63
N VAL B 209 -13.68 6.15 -12.80
CA VAL B 209 -13.56 5.53 -11.49
C VAL B 209 -13.28 6.62 -10.49
N LEU B 210 -14.00 6.59 -9.37
CA LEU B 210 -13.75 7.52 -8.28
C LEU B 210 -13.19 6.74 -7.09
N LYS B 211 -12.01 7.13 -6.63
CA LYS B 211 -11.29 6.35 -5.62
C LYS B 211 -10.51 7.29 -4.73
N HIS B 212 -10.51 7.04 -3.42
CA HIS B 212 -9.59 7.76 -2.55
C HIS B 212 -8.16 7.50 -3.01
N PRO B 213 -7.29 8.53 -2.97
CA PRO B 213 -5.89 8.35 -3.40
C PRO B 213 -5.16 7.17 -2.76
N GLN B 214 -5.46 6.86 -1.50
CA GLN B 214 -4.72 5.83 -0.76
C GLN B 214 -4.98 4.40 -1.22
N ILE B 215 -6.15 4.15 -1.80
CA ILE B 215 -6.57 2.77 -2.12
C ILE B 215 -5.73 2.23 -3.29
N GLN B 216 -5.08 1.09 -3.06
CA GLN B 216 -4.16 0.53 -4.07
C GLN B 216 -4.61 -0.85 -4.56
N LYS B 217 -5.71 -1.36 -4.03
CA LYS B 217 -6.21 -2.68 -4.40
C LYS B 217 -7.73 -2.70 -4.32
N GLU B 218 -8.33 -3.79 -4.79
CA GLU B 218 -9.78 -3.95 -4.79
C GLU B 218 -10.39 -3.51 -3.47
N SER B 219 -11.45 -2.69 -3.56
CA SER B 219 -12.14 -2.16 -2.38
C SER B 219 -13.57 -1.82 -2.76
N GLN B 220 -14.50 -2.07 -1.83
CA GLN B 220 -15.89 -1.67 -2.00
C GLN B 220 -16.03 -0.16 -2.16
N TYR B 221 -15.02 0.58 -1.72
CA TYR B 221 -15.10 2.04 -1.73
C TYR B 221 -14.62 2.67 -3.03
N ILE B 222 -14.23 1.84 -3.99
CA ILE B 222 -13.93 2.33 -5.35
C ILE B 222 -15.25 2.33 -6.10
N LYS B 223 -15.61 3.48 -6.67
CA LYS B 223 -16.86 3.57 -7.42
CA LYS B 223 -16.87 3.64 -7.42
C LYS B 223 -16.58 3.57 -8.92
N TYR B 224 -17.32 2.72 -9.63
CA TYR B 224 -17.16 2.52 -11.07
C TYR B 224 -18.39 3.05 -11.78
N LEU B 225 -18.19 4.01 -12.69
CA LEU B 225 -19.29 4.59 -13.45
C LEU B 225 -19.07 4.36 -14.94
N CYS B 226 -20.08 3.81 -15.61
CA CYS B 226 -19.98 3.52 -17.04
C CYS B 226 -20.89 4.47 -17.81
N CYS B 227 -20.38 4.99 -18.92
CA CYS B 227 -21.11 5.95 -19.75
C CYS B 227 -21.54 5.28 -21.06
N ASP B 228 -22.67 5.70 -21.61
CA ASP B 228 -23.16 5.10 -22.85
C ASP B 228 -22.23 5.29 -24.05
N ASP B 229 -21.42 6.35 -24.03
CA ASP B 229 -20.57 6.66 -25.17
C ASP B 229 -19.35 7.49 -24.77
N ALA B 230 -18.44 7.65 -25.72
CA ALA B 230 -17.18 8.35 -25.46
C ALA B 230 -17.40 9.82 -25.11
N ARG B 231 -18.32 10.48 -25.80
CA ARG B 231 -18.61 11.89 -25.51
C ARG B 231 -19.05 12.10 -24.06
N THR B 232 -19.97 11.25 -23.59
CA THR B 232 -20.43 11.34 -22.21
C THR B 232 -19.29 11.17 -21.22
N LEU B 233 -18.41 10.20 -21.47
CA LEU B 233 -17.21 10.03 -20.62
C LEU B 233 -16.36 11.29 -20.58
N SER B 234 -16.06 11.86 -21.75
CA SER B 234 -15.28 13.09 -21.85
CA SER B 234 -15.26 13.07 -21.79
C SER B 234 -15.91 14.23 -21.03
N GLN B 235 -17.23 14.36 -21.13
CA GLN B 235 -17.96 15.42 -20.42
C GLN B 235 -17.83 15.26 -18.91
N TRP B 236 -18.05 14.06 -18.41
CA TRP B 236 -17.95 13.82 -16.98
C TRP B 236 -16.56 13.95 -16.42
N VAL B 237 -15.57 13.44 -17.14
CA VAL B 237 -14.19 13.54 -16.64
C VAL B 237 -13.74 15.02 -16.59
N MET B 238 -14.00 15.76 -17.67
CA MET B 238 -13.67 17.19 -17.68
C MET B 238 -14.45 17.94 -16.60
N GLY B 239 -15.75 17.67 -16.48
CA GLY B 239 -16.61 18.37 -15.53
C GLY B 239 -16.20 18.12 -14.08
N ILE B 240 -15.93 16.86 -13.77
CA ILE B 240 -15.48 16.51 -12.42
C ILE B 240 -14.15 17.17 -12.07
N ARG B 241 -13.23 17.20 -13.04
CA ARG B 241 -11.94 17.84 -12.83
C ARG B 241 -12.08 19.35 -12.59
N ILE B 242 -13.00 19.98 -13.31
CA ILE B 242 -13.31 21.40 -13.07
C ILE B 242 -13.85 21.60 -11.65
N ALA B 243 -14.83 20.77 -11.27
CA ALA B 243 -15.40 20.87 -9.94
C ALA B 243 -14.35 20.66 -8.84
N LYS B 244 -13.52 19.63 -9.00
CA LYS B 244 -12.55 19.27 -7.97
C LYS B 244 -11.44 20.28 -7.83
N TYR B 245 -10.88 20.71 -8.96
CA TYR B 245 -9.67 21.53 -8.96
C TYR B 245 -9.92 23.02 -9.17
N GLY B 246 -11.06 23.36 -9.78
CA GLY B 246 -11.50 24.75 -9.90
C GLY B 246 -10.50 25.74 -10.49
N LYS B 247 -10.33 26.87 -9.82
CA LYS B 247 -9.44 27.93 -10.28
CA LYS B 247 -9.43 27.92 -10.29
C LYS B 247 -8.00 27.42 -10.48
N THR B 248 -7.60 26.46 -9.66
CA THR B 248 -6.26 25.88 -9.77
C THR B 248 -6.04 25.29 -11.17
N LEU B 249 -7.06 24.65 -11.72
CA LEU B 249 -6.93 24.03 -13.03
C LEU B 249 -6.72 25.10 -14.11
N TYR B 250 -7.44 26.21 -13.98
CA TYR B 250 -7.29 27.34 -14.89
C TYR B 250 -5.88 27.90 -14.79
N ASP B 251 -5.38 28.08 -13.57
CA ASP B 251 -4.03 28.61 -13.38
C ASP B 251 -2.99 27.66 -13.97
N ASN B 252 -3.24 26.35 -13.82
CA ASN B 252 -2.33 25.35 -14.37
C ASN B 252 -2.27 25.49 -15.89
N TYR B 253 -3.44 25.70 -16.50
CA TYR B 253 -3.49 25.89 -17.95
C TYR B 253 -2.70 27.14 -18.37
N GLN B 254 -2.90 28.26 -17.68
CA GLN B 254 -2.15 29.48 -18.00
C GLN B 254 -0.65 29.25 -17.86
N ARG B 255 -0.24 28.53 -16.81
CA ARG B 255 1.18 28.22 -16.62
C ARG B 255 1.73 27.34 -17.76
N ALA B 256 0.92 26.39 -18.22
CA ALA B 256 1.31 25.53 -19.34
C ALA B 256 1.42 26.30 -20.65
N VAL B 257 0.46 27.18 -20.95
CA VAL B 257 0.51 27.97 -22.18
C VAL B 257 1.79 28.78 -22.25
N ALA B 258 2.22 29.30 -21.10
CA ALA B 258 3.44 30.11 -21.03
C ALA B 258 4.71 29.34 -21.42
N ARG B 259 4.65 28.01 -21.36
CA ARG B 259 5.80 27.18 -21.70
C ARG B 259 5.76 26.65 -23.13
N ALA B 260 4.62 26.80 -23.78
CA ALA B 260 4.41 26.27 -25.13
C ALA B 260 5.06 27.13 -26.19
N MET C 2 16.18 -11.93 32.57
CA MET C 2 15.36 -12.95 31.86
C MET C 2 15.45 -12.77 30.34
N ARG C 3 15.85 -13.84 29.66
CA ARG C 3 15.96 -13.84 28.20
C ARG C 3 14.73 -14.48 27.55
N GLU C 4 14.54 -14.17 26.26
CA GLU C 4 13.45 -14.75 25.47
C GLU C 4 13.94 -15.90 24.60
N TYR C 5 13.12 -16.95 24.52
CA TYR C 5 13.46 -18.14 23.75
C TYR C 5 12.34 -18.46 22.76
N LYS C 6 12.65 -18.31 21.47
CA LYS C 6 11.68 -18.56 20.41
C LYS C 6 11.75 -20.03 19.98
N LEU C 7 10.72 -20.79 20.37
CA LEU C 7 10.67 -22.22 20.11
C LEU C 7 9.59 -22.58 19.09
N VAL C 8 9.86 -23.60 18.29
CA VAL C 8 8.95 -24.03 17.24
C VAL C 8 8.66 -25.53 17.35
N VAL C 9 7.38 -25.87 17.38
CA VAL C 9 6.95 -27.26 17.38
C VAL C 9 6.39 -27.60 16.01
N LEU C 10 7.04 -28.53 15.32
CA LEU C 10 6.63 -28.92 13.98
C LEU C 10 6.59 -30.45 13.82
N GLY C 11 5.86 -30.89 12.79
CA GLY C 11 5.59 -32.31 12.58
C GLY C 11 4.28 -32.51 11.85
N SER C 12 4.00 -33.74 11.47
CA SER C 12 2.82 -34.08 10.66
C SER C 12 1.50 -33.96 11.42
N VAL C 13 0.39 -34.04 10.67
CA VAL C 13 -0.95 -33.89 11.23
C VAL C 13 -1.28 -34.95 12.28
N GLY C 14 -1.79 -34.50 13.42
CA GLY C 14 -2.34 -35.37 14.45
C GLY C 14 -1.35 -36.04 15.39
N VAL C 15 -0.08 -35.65 15.32
CA VAL C 15 0.97 -36.29 16.12
C VAL C 15 0.91 -35.89 17.60
N GLY C 16 0.35 -34.71 17.87
CA GLY C 16 0.20 -34.23 19.24
C GLY C 16 0.97 -32.95 19.54
N LYS C 17 1.23 -32.16 18.50
CA LYS C 17 1.95 -30.88 18.66
C LYS C 17 1.22 -29.93 19.60
N SER C 18 -0.08 -29.74 19.36
CA SER C 18 -0.89 -28.85 20.21
C SER C 18 -1.10 -29.47 21.59
N ALA C 19 -1.36 -30.77 21.63
CA ALA C 19 -1.56 -31.46 22.89
C ALA C 19 -0.34 -31.35 23.80
N LEU C 20 0.85 -31.51 23.23
CA LEU C 20 2.10 -31.35 23.97
C LEU C 20 2.29 -29.90 24.46
N THR C 21 2.01 -28.95 23.57
CA THR C 21 2.16 -27.54 23.89
C THR C 21 1.18 -27.10 24.98
N VAL C 22 -0.08 -27.50 24.82
CA VAL C 22 -1.14 -27.14 25.78
C VAL C 22 -0.93 -27.81 27.14
N GLN C 23 -0.46 -29.05 27.13
CA GLN C 23 -0.12 -29.74 28.39
C GLN C 23 0.98 -28.99 29.12
N PHE C 24 2.01 -28.56 28.38
CA PHE C 24 3.12 -27.81 28.95
C PHE C 24 2.67 -26.44 29.48
N VAL C 25 1.94 -25.68 28.67
CA VAL C 25 1.58 -24.31 29.02
C VAL C 25 0.42 -24.23 30.01
N GLN C 26 -0.61 -25.06 29.82
CA GLN C 26 -1.84 -24.96 30.59
C GLN C 26 -2.06 -26.10 31.60
N GLY C 27 -1.36 -27.20 31.41
CA GLY C 27 -1.48 -28.35 32.31
C GLY C 27 -2.77 -29.13 32.17
N ILE C 28 -3.33 -29.13 30.96
CA ILE C 28 -4.56 -29.87 30.66
C ILE C 28 -4.43 -30.67 29.38
N PHE C 29 -5.17 -31.78 29.29
CA PHE C 29 -5.21 -32.59 28.06
C PHE C 29 -6.64 -32.69 27.53
N VAL C 30 -6.80 -32.39 26.24
CA VAL C 30 -8.10 -32.49 25.58
C VAL C 30 -8.10 -33.64 24.57
N GLU C 31 -9.12 -34.48 24.66
CA GLU C 31 -9.25 -35.63 23.75
C GLU C 31 -9.72 -35.20 22.37
N LYS C 32 -10.51 -34.12 22.32
CA LYS C 32 -11.09 -33.62 21.06
C LYS C 32 -10.03 -33.00 20.15
N TYR C 33 -10.06 -33.39 18.88
CA TYR C 33 -9.08 -32.94 17.90
C TYR C 33 -9.55 -31.72 17.11
N ASP C 34 -8.69 -30.70 17.07
CA ASP C 34 -8.96 -29.48 16.32
C ASP C 34 -7.71 -29.07 15.54
N PRO C 35 -7.71 -29.27 14.20
CA PRO C 35 -6.54 -29.01 13.37
C PRO C 35 -6.05 -27.56 13.48
N THR C 36 -4.75 -27.39 13.68
CA THR C 36 -4.15 -26.07 13.90
C THR C 36 -3.82 -25.39 12.58
N ILE C 37 -4.00 -24.07 12.54
CA ILE C 37 -3.47 -23.26 11.45
C ILE C 37 -2.13 -22.68 11.93
N GLU C 38 -2.16 -21.97 13.04
CA GLU C 38 -0.96 -21.52 13.74
C GLU C 38 -1.37 -20.91 15.08
N ASP C 39 -0.85 -21.46 16.17
CA ASP C 39 -1.06 -20.87 17.49
C ASP C 39 0.28 -20.55 18.11
N SER C 40 0.32 -19.53 18.96
CA SER C 40 1.54 -19.22 19.71
C SER C 40 1.21 -18.98 21.18
N TYR C 41 2.15 -19.33 22.04
CA TYR C 41 1.98 -19.20 23.48
C TYR C 41 3.20 -18.51 24.07
N ARG C 42 2.98 -17.71 25.11
CA ARG C 42 4.08 -17.10 25.86
C ARG C 42 3.96 -17.48 27.32
N LYS C 43 4.98 -18.17 27.84
CA LYS C 43 4.96 -18.69 29.20
C LYS C 43 6.32 -18.49 29.89
N GLN C 44 6.29 -17.90 31.07
CA GLN C 44 7.48 -17.79 31.90
C GLN C 44 7.70 -19.08 32.68
N VAL C 45 8.91 -19.62 32.63
CA VAL C 45 9.25 -20.86 33.33
C VAL C 45 10.59 -20.71 34.03
N GLU C 46 10.89 -21.62 34.95
CA GLU C 46 12.20 -21.68 35.57
C GLU C 46 12.99 -22.86 35.01
N VAL C 47 14.16 -22.58 34.47
CA VAL C 47 15.05 -23.60 33.91
C VAL C 47 16.43 -23.44 34.55
N ASP C 48 16.89 -24.49 35.23
CA ASP C 48 18.15 -24.48 35.97
C ASP C 48 18.25 -23.25 36.90
N CYS C 49 17.18 -23.02 37.66
CA CYS C 49 17.06 -21.91 38.61
C CYS C 49 17.13 -20.52 37.97
N GLN C 50 16.89 -20.46 36.66
CA GLN C 50 16.89 -19.21 35.92
C GLN C 50 15.52 -18.99 35.30
N GLN C 51 14.95 -17.81 35.53
CA GLN C 51 13.66 -17.44 34.92
C GLN C 51 13.83 -17.21 33.43
N CYS C 52 12.97 -17.85 32.65
CA CYS C 52 13.03 -17.80 31.18
C CYS C 52 11.66 -17.48 30.59
N MET C 53 11.65 -16.66 29.55
CA MET C 53 10.42 -16.35 28.84
C MET C 53 10.36 -17.13 27.53
N LEU C 54 9.41 -18.06 27.46
CA LEU C 54 9.26 -18.92 26.28
C LEU C 54 8.17 -18.42 25.37
N GLU C 55 8.50 -18.26 24.10
CA GLU C 55 7.50 -18.06 23.05
C GLU C 55 7.49 -19.30 22.19
N ILE C 56 6.39 -20.05 22.24
CA ILE C 56 6.28 -21.33 21.56
C ILE C 56 5.32 -21.22 20.38
N LEU C 57 5.82 -21.56 19.20
CA LEU C 57 4.97 -21.57 18.01
C LEU C 57 4.49 -23.00 17.74
N ASP C 58 3.17 -23.15 17.74
CA ASP C 58 2.52 -24.42 17.50
C ASP C 58 1.98 -24.41 16.06
N THR C 59 2.64 -25.15 15.19
CA THR C 59 2.43 -25.04 13.74
C THR C 59 1.40 -26.03 13.19
N ALA C 60 0.95 -25.79 11.95
CA ALA C 60 0.05 -26.70 11.25
C ALA C 60 0.82 -27.92 10.77
N GLY C 61 0.17 -29.08 10.80
CA GLY C 61 0.78 -30.34 10.34
C GLY C 61 1.21 -30.32 8.88
N THR C 62 0.39 -29.74 8.01
CA THR C 62 0.68 -29.68 6.58
C THR C 62 1.02 -28.27 6.12
N ARG C 69 6.50 -22.29 5.74
CA ARG C 69 7.45 -22.80 6.72
C ARG C 69 8.71 -21.95 6.80
N ASP C 70 9.02 -21.23 5.72
CA ASP C 70 10.26 -20.46 5.58
C ASP C 70 10.44 -19.44 6.70
N LEU C 71 9.38 -18.69 6.99
CA LEU C 71 9.43 -17.54 7.91
C LEU C 71 9.76 -17.94 9.35
N TYR C 72 9.07 -18.94 9.88
CA TYR C 72 9.22 -19.30 11.28
C TYR C 72 10.48 -20.14 11.57
N MET C 73 11.07 -20.71 10.53
CA MET C 73 12.33 -21.42 10.66
C MET C 73 13.49 -20.44 10.81
N LYS C 74 13.38 -19.28 10.17
CA LYS C 74 14.37 -18.22 10.27
C LYS C 74 14.30 -17.53 11.65
N ASN C 75 13.08 -17.38 12.16
CA ASN C 75 12.84 -16.72 13.45
C ASN C 75 13.06 -17.63 14.66
N GLY C 76 12.86 -18.92 14.47
CA GLY C 76 12.96 -19.89 15.56
C GLY C 76 14.38 -20.17 16.02
N GLN C 77 14.56 -20.20 17.35
CA GLN C 77 15.86 -20.48 17.94
C GLN C 77 16.03 -21.97 18.25
N GLY C 78 14.94 -22.62 18.66
CA GLY C 78 14.93 -24.05 18.95
C GLY C 78 13.75 -24.75 18.29
N PHE C 79 13.95 -26.00 17.91
CA PHE C 79 12.95 -26.73 17.13
C PHE C 79 12.66 -28.13 17.68
N ALA C 80 11.40 -28.39 17.97
CA ALA C 80 10.96 -29.71 18.41
C ALA C 80 10.26 -30.43 17.25
N LEU C 81 10.87 -31.52 16.79
CA LEU C 81 10.31 -32.30 15.68
C LEU C 81 9.56 -33.53 16.20
N VAL C 82 8.23 -33.51 16.02
CA VAL C 82 7.35 -34.46 16.68
C VAL C 82 6.74 -35.47 15.70
N TYR C 83 6.82 -36.75 16.06
CA TYR C 83 6.07 -37.79 15.37
C TYR C 83 5.22 -38.57 16.38
N SER C 84 4.33 -39.40 15.87
CA SER C 84 3.57 -40.33 16.70
C SER C 84 4.18 -41.72 16.56
N ILE C 85 4.28 -42.43 17.67
CA ILE C 85 4.80 -43.80 17.65
C ILE C 85 3.82 -44.79 17.02
N THR C 86 2.58 -44.34 16.84
CA THR C 86 1.50 -45.19 16.30
C THR C 86 1.30 -44.99 14.79
N ALA C 87 2.07 -44.08 14.19
CA ALA C 87 1.97 -43.80 12.76
C ALA C 87 3.35 -43.65 12.12
N GLN C 88 3.70 -44.63 11.27
CA GLN C 88 5.00 -44.68 10.60
C GLN C 88 5.20 -43.51 9.63
N SER C 89 4.14 -43.14 8.93
CA SER C 89 4.18 -42.05 7.94
C SER C 89 4.67 -40.75 8.57
N THR C 90 4.28 -40.51 9.82
CA THR C 90 4.66 -39.29 10.53
C THR C 90 6.16 -39.28 10.85
N PHE C 91 6.73 -40.46 11.10
CA PHE C 91 8.16 -40.62 11.35
C PHE C 91 9.00 -40.29 10.11
N ASN C 92 8.61 -40.84 8.97
CA ASN C 92 9.33 -40.64 7.70
C ASN C 92 9.29 -39.21 7.17
N ASP C 93 8.30 -38.44 7.61
CA ASP C 93 8.12 -37.05 7.19
C ASP C 93 9.14 -36.08 7.80
N LEU C 94 9.78 -36.49 8.89
CA LEU C 94 10.66 -35.61 9.66
C LEU C 94 11.98 -35.28 8.97
N GLN C 95 12.51 -36.23 8.19
CA GLN C 95 13.77 -36.04 7.48
C GLN C 95 13.77 -34.77 6.64
N ASP C 96 12.68 -34.55 5.90
CA ASP C 96 12.52 -33.38 5.04
C ASP C 96 12.52 -32.07 5.84
N LEU C 97 11.90 -32.10 7.02
CA LEU C 97 11.83 -30.92 7.88
C LEU C 97 13.19 -30.57 8.47
N ARG C 98 13.91 -31.59 8.94
CA ARG C 98 15.28 -31.43 9.44
C ARG C 98 16.19 -30.76 8.41
N GLU C 99 16.12 -31.24 7.17
CA GLU C 99 16.96 -30.73 6.08
C GLU C 99 16.64 -29.28 5.72
N GLN C 100 15.36 -28.92 5.78
CA GLN C 100 14.92 -27.56 5.47
C GLN C 100 15.41 -26.54 6.51
N ILE C 101 15.37 -26.92 7.78
CA ILE C 101 15.81 -26.05 8.89
C ILE C 101 17.29 -25.70 8.75
N LEU C 102 18.11 -26.70 8.42
CA LEU C 102 19.55 -26.51 8.22
C LEU C 102 19.84 -25.59 7.03
N ARG C 103 18.99 -25.67 6.00
CA ARG C 103 19.15 -24.87 4.79
C ARG C 103 18.84 -23.40 5.04
N VAL C 104 17.74 -23.14 5.74
CA VAL C 104 17.27 -21.78 6.03
C VAL C 104 18.16 -21.07 7.06
N LYS C 105 18.46 -21.77 8.17
CA LYS C 105 19.30 -21.21 9.22
C LYS C 105 20.77 -21.09 8.80
N ASP C 106 21.25 -22.08 8.03
CA ASP C 106 22.60 -22.11 7.48
C ASP C 106 23.71 -22.03 8.54
N THR C 107 23.68 -22.96 9.49
CA THR C 107 24.67 -23.01 10.57
C THR C 107 25.04 -24.45 10.95
N GLU C 108 24.05 -25.35 10.87
CA GLU C 108 24.17 -26.74 11.35
C GLU C 108 24.21 -26.83 12.89
N ASP C 109 24.55 -25.72 13.53
CA ASP C 109 24.49 -25.60 14.99
C ASP C 109 23.11 -25.07 15.41
N VAL C 110 22.08 -25.83 15.10
CA VAL C 110 20.70 -25.43 15.37
C VAL C 110 20.11 -26.28 16.50
N PRO C 111 19.79 -25.64 17.65
CA PRO C 111 19.13 -26.33 18.76
C PRO C 111 17.89 -27.08 18.29
N MET C 112 17.86 -28.38 18.55
CA MET C 112 16.81 -29.25 18.03
C MET C 112 16.59 -30.47 18.92
N ILE C 113 15.34 -30.94 18.98
CA ILE C 113 15.00 -32.17 19.68
C ILE C 113 14.01 -33.00 18.88
N LEU C 114 14.27 -34.31 18.84
CA LEU C 114 13.41 -35.28 18.17
C LEU C 114 12.47 -35.88 19.22
N VAL C 115 11.17 -35.84 18.94
CA VAL C 115 10.17 -36.23 19.94
C VAL C 115 9.21 -37.31 19.43
N GLY C 116 9.20 -38.46 20.10
CA GLY C 116 8.28 -39.55 19.80
C GLY C 116 7.08 -39.54 20.72
N ASN C 117 5.97 -38.97 20.23
CA ASN C 117 4.78 -38.76 21.06
C ASN C 117 3.80 -39.95 21.08
N LYS C 118 2.85 -39.88 22.01
CA LYS C 118 1.82 -40.91 22.22
C LYS C 118 2.40 -42.24 22.70
N CYS C 119 3.38 -42.16 23.61
CA CYS C 119 4.05 -43.35 24.14
C CYS C 119 3.17 -44.14 25.11
N ASP C 120 2.03 -43.56 25.49
CA ASP C 120 1.05 -44.23 26.35
C ASP C 120 0.34 -45.38 25.63
N LEU C 121 0.18 -45.25 24.31
CA LEU C 121 -0.46 -46.27 23.49
C LEU C 121 0.56 -47.31 23.03
N GLU C 122 0.91 -48.22 23.95
CA GLU C 122 1.99 -49.18 23.73
C GLU C 122 1.64 -50.28 22.71
N ASP C 123 0.39 -50.74 22.73
CA ASP C 123 -0.04 -51.83 21.85
C ASP C 123 -0.47 -51.34 20.46
N GLU C 124 -0.24 -50.06 20.19
CA GLU C 124 -0.51 -49.48 18.87
C GLU C 124 0.78 -48.98 18.21
N ARG C 125 1.91 -49.23 18.88
CA ARG C 125 3.23 -48.80 18.42
C ARG C 125 3.65 -49.46 17.11
N VAL C 126 4.12 -48.67 16.17
CA VAL C 126 4.75 -49.16 14.95
C VAL C 126 6.20 -48.67 14.83
N VAL C 127 6.49 -47.52 15.43
CA VAL C 127 7.84 -46.97 15.43
C VAL C 127 8.56 -47.31 16.74
N GLY C 128 9.55 -48.18 16.65
CA GLY C 128 10.35 -48.58 17.80
C GLY C 128 11.20 -47.47 18.36
N LYS C 129 11.46 -47.52 19.66
CA LYS C 129 12.26 -46.51 20.36
C LYS C 129 13.69 -46.42 19.81
N GLU C 130 14.27 -47.57 19.45
CA GLU C 130 15.62 -47.62 18.90
C GLU C 130 15.70 -46.99 17.51
N GLN C 131 14.60 -47.05 16.76
CA GLN C 131 14.53 -46.44 15.42
C GLN C 131 14.53 -44.91 15.53
N GLY C 132 13.91 -44.39 16.59
CA GLY C 132 13.95 -42.97 16.92
C GLY C 132 15.33 -42.53 17.40
N GLN C 133 15.96 -43.37 18.23
CA GLN C 133 17.32 -43.13 18.71
C GLN C 133 18.33 -43.09 17.56
N ASN C 134 18.14 -43.98 16.59
CA ASN C 134 19.03 -44.09 15.43
C ASN C 134 19.04 -42.83 14.56
N LEU C 135 17.86 -42.28 14.30
CA LEU C 135 17.70 -41.07 13.51
C LEU C 135 18.29 -39.86 14.24
N ALA C 136 18.14 -39.83 15.56
CA ALA C 136 18.68 -38.75 16.39
C ALA C 136 20.21 -38.69 16.38
N ARG C 137 20.86 -39.85 16.43
CA ARG C 137 22.32 -39.92 16.32
C ARG C 137 22.80 -39.39 14.97
N GLN C 138 22.01 -39.66 13.94
CA GLN C 138 22.31 -39.22 12.57
C GLN C 138 22.30 -37.70 12.42
N TRP C 139 21.43 -37.03 13.18
CA TRP C 139 21.30 -35.57 13.12
C TRP C 139 22.27 -34.87 14.06
N CYS C 140 23.57 -35.13 13.85
CA CYS C 140 24.64 -34.58 14.68
C CYS C 140 24.47 -34.90 16.17
N ASN C 141 24.10 -36.16 16.45
CA ASN C 141 23.80 -36.64 17.80
C ASN C 141 22.74 -35.78 18.50
N CYS C 142 21.62 -35.59 17.80
CA CYS C 142 20.51 -34.75 18.27
C CYS C 142 19.81 -35.33 19.49
N ALA C 143 19.19 -34.45 20.28
CA ALA C 143 18.44 -34.86 21.47
C ALA C 143 17.19 -35.67 21.09
N PHE C 144 16.83 -36.62 21.95
CA PHE C 144 15.71 -37.52 21.68
C PHE C 144 14.95 -37.87 22.95
N LEU C 145 13.61 -37.82 22.84
CA LEU C 145 12.73 -38.20 23.94
C LEU C 145 11.49 -38.91 23.39
N GLU C 146 10.99 -39.87 24.16
CA GLU C 146 9.65 -40.40 23.93
C GLU C 146 8.70 -39.81 24.97
N SER C 147 7.62 -39.19 24.49
CA SER C 147 6.74 -38.41 25.34
C SER C 147 5.27 -38.84 25.26
N SER C 148 4.48 -38.39 26.22
CA SER C 148 3.03 -38.53 26.18
C SER C 148 2.35 -37.28 26.72
N ALA C 149 1.57 -36.62 25.87
CA ALA C 149 0.81 -35.44 26.26
C ALA C 149 -0.35 -35.82 27.17
N LYS C 150 -0.89 -37.03 26.97
CA LYS C 150 -1.99 -37.54 27.77
C LYS C 150 -1.55 -37.94 29.18
N SER C 151 -0.42 -38.64 29.26
CA SER C 151 0.06 -39.21 30.52
C SER C 151 1.04 -38.32 31.28
N LYS C 152 1.35 -37.16 30.72
CA LYS C 152 2.36 -36.24 31.29
C LYS C 152 3.73 -36.91 31.43
N ILE C 153 4.20 -37.52 30.35
CA ILE C 153 5.52 -38.15 30.32
C ILE C 153 6.44 -37.36 29.37
N ASN C 154 7.56 -36.89 29.92
CA ASN C 154 8.57 -36.12 29.16
C ASN C 154 8.06 -34.87 28.43
N VAL C 155 6.99 -34.27 28.94
CA VAL C 155 6.41 -33.07 28.31
C VAL C 155 7.30 -31.85 28.57
N ASN C 156 7.51 -31.51 29.84
CA ASN C 156 8.32 -30.36 30.21
C ASN C 156 9.76 -30.44 29.69
N GLU C 157 10.31 -31.65 29.71
CA GLU C 157 11.68 -31.93 29.27
C GLU C 157 11.95 -31.47 27.85
N ILE C 158 10.98 -31.62 26.97
CA ILE C 158 11.08 -31.19 25.56
C ILE C 158 11.52 -29.72 25.46
N PHE C 159 10.79 -28.86 26.15
CA PHE C 159 10.98 -27.41 26.05
C PHE C 159 12.18 -26.92 26.86
N TYR C 160 12.40 -27.52 28.02
CA TYR C 160 13.54 -27.17 28.86
C TYR C 160 14.89 -27.51 28.20
N ASP C 161 14.92 -28.65 27.49
CA ASP C 161 16.14 -29.08 26.79
C ASP C 161 16.51 -28.14 25.64
N LEU C 162 15.50 -27.61 24.95
CA LEU C 162 15.73 -26.65 23.89
C LEU C 162 16.33 -25.35 24.43
N VAL C 163 15.85 -24.92 25.59
CA VAL C 163 16.40 -23.75 26.29
C VAL C 163 17.88 -23.97 26.62
N ARG C 164 18.20 -25.15 27.14
CA ARG C 164 19.58 -25.50 27.49
CA ARG C 164 19.58 -25.51 27.49
C ARG C 164 20.49 -25.54 26.27
N GLN C 165 19.95 -25.99 25.14
CA GLN C 165 20.70 -26.04 23.88
C GLN C 165 21.01 -24.65 23.34
N ILE C 166 20.04 -23.74 23.46
CA ILE C 166 20.22 -22.34 23.06
C ILE C 166 21.31 -21.67 23.91
N ASN C 167 21.29 -21.95 25.20
CA ASN C 167 22.33 -21.46 26.11
C ASN C 167 23.62 -22.26 25.98
N MET D 1 -15.84 -19.44 -1.65
CA MET D 1 -15.91 -18.19 -0.84
C MET D 1 -14.51 -17.61 -0.62
N LYS D 2 -14.44 -16.29 -0.52
CA LYS D 2 -13.23 -15.64 -0.05
C LYS D 2 -13.09 -15.98 1.43
N LYS D 3 -11.88 -16.32 1.84
CA LYS D 3 -11.60 -16.61 3.24
C LYS D 3 -10.24 -16.09 3.63
N LEU D 4 -10.13 -15.71 4.90
CA LEU D 4 -8.93 -15.09 5.43
CA LEU D 4 -8.90 -15.11 5.42
C LEU D 4 -8.47 -15.83 6.68
N VAL D 5 -7.16 -16.04 6.79
CA VAL D 5 -6.61 -16.51 8.06
C VAL D 5 -6.45 -15.26 8.91
N VAL D 6 -7.10 -15.23 10.06
CA VAL D 6 -7.04 -14.10 10.96
C VAL D 6 -6.30 -14.50 12.23
N LYS D 7 -5.17 -13.83 12.48
CA LYS D 7 -4.38 -14.05 13.69
C LYS D 7 -4.97 -13.23 14.83
N VAL D 8 -5.55 -13.90 15.82
CA VAL D 8 -6.19 -13.21 16.93
C VAL D 8 -5.22 -13.17 18.11
N HIS D 9 -4.98 -11.96 18.62
CA HIS D 9 -4.03 -11.74 19.71
C HIS D 9 -4.73 -11.68 21.04
N MET D 10 -4.24 -12.46 22.01
CA MET D 10 -4.87 -12.56 23.33
C MET D 10 -4.22 -11.62 24.33
N ASP D 11 -4.89 -11.42 25.47
CA ASP D 11 -4.41 -10.51 26.51
C ASP D 11 -3.17 -11.00 27.26
N ASP D 12 -2.87 -12.29 27.13
CA ASP D 12 -1.64 -12.86 27.68
C ASP D 12 -0.56 -13.00 26.60
N SER D 13 -0.76 -12.29 25.49
CA SER D 13 0.18 -12.22 24.36
C SER D 13 0.24 -13.47 23.46
N SER D 14 -0.50 -14.52 23.85
CA SER D 14 -0.66 -15.69 23.00
C SER D 14 -1.52 -15.33 21.77
N THR D 15 -1.46 -16.17 20.75
CA THR D 15 -2.24 -15.94 19.53
C THR D 15 -2.88 -17.22 19.04
N LYS D 16 -4.01 -17.08 18.36
CA LYS D 16 -4.67 -18.18 17.71
C LYS D 16 -5.09 -17.72 16.33
N SER D 17 -4.70 -18.48 15.30
CA SER D 17 -5.10 -18.17 13.92
C SER D 17 -6.36 -18.94 13.55
N LEU D 18 -7.36 -18.20 13.08
CA LEU D 18 -8.65 -18.76 12.71
C LEU D 18 -8.88 -18.58 11.22
N MET D 19 -9.54 -19.55 10.60
CA MET D 19 -10.00 -19.40 9.23
C MET D 19 -11.37 -18.73 9.25
N VAL D 20 -11.46 -17.57 8.63
CA VAL D 20 -12.68 -16.78 8.68
C VAL D 20 -13.19 -16.55 7.25
N ASP D 21 -14.33 -17.15 6.92
CA ASP D 21 -14.87 -16.96 5.58
C ASP D 21 -15.64 -15.65 5.46
N GLU D 22 -15.97 -15.29 4.21
CA GLU D 22 -16.58 -14.00 3.89
C GLU D 22 -17.98 -13.78 4.47
N ARG D 23 -18.59 -14.83 5.00
CA ARG D 23 -19.91 -14.72 5.59
C ARG D 23 -19.89 -14.41 7.09
N GLN D 24 -18.73 -14.56 7.71
CA GLN D 24 -18.64 -14.48 9.17
C GLN D 24 -18.76 -13.06 9.71
N LEU D 25 -19.61 -12.90 10.73
CA LEU D 25 -19.65 -11.64 11.46
C LEU D 25 -18.75 -11.73 12.69
N ALA D 26 -18.42 -10.58 13.28
CA ALA D 26 -17.68 -10.57 14.54
C ALA D 26 -18.34 -11.50 15.58
N ARG D 27 -19.66 -11.50 15.62
CA ARG D 27 -20.45 -12.39 16.49
C ARG D 27 -20.04 -13.85 16.34
N ASP D 28 -19.83 -14.27 15.10
CA ASP D 28 -19.48 -15.65 14.80
C ASP D 28 -18.05 -15.99 15.23
N VAL D 29 -17.13 -15.07 14.97
CA VAL D 29 -15.74 -15.25 15.40
C VAL D 29 -15.68 -15.28 16.92
N LEU D 30 -16.45 -14.40 17.58
CA LEU D 30 -16.51 -14.42 19.04
C LEU D 30 -17.03 -15.75 19.59
N ASP D 31 -18.07 -16.29 18.97
CA ASP D 31 -18.60 -17.59 19.40
C ASP D 31 -17.52 -18.67 19.29
N ASN D 32 -16.75 -18.62 18.21
CA ASN D 32 -15.64 -19.56 18.00
C ASN D 32 -14.57 -19.38 19.08
N LEU D 33 -14.22 -18.12 19.37
CA LEU D 33 -13.22 -17.83 20.39
C LEU D 33 -13.66 -18.21 21.81
N PHE D 34 -14.95 -18.06 22.11
CA PHE D 34 -15.49 -18.49 23.40
C PHE D 34 -15.22 -19.98 23.63
N GLU D 35 -15.42 -20.77 22.58
CA GLU D 35 -15.19 -22.21 22.62
C GLU D 35 -13.69 -22.56 22.74
N LYS D 36 -12.86 -21.83 22.02
CA LYS D 36 -11.42 -22.13 21.96
C LYS D 36 -10.62 -21.64 23.16
N THR D 37 -11.06 -20.55 23.78
CA THR D 37 -10.33 -19.92 24.88
C THR D 37 -10.88 -20.31 26.25
N HIS D 38 -12.08 -20.90 26.25
CA HIS D 38 -12.81 -21.27 27.48
C HIS D 38 -13.06 -20.12 28.42
N CYS D 39 -13.31 -18.93 27.88
CA CYS D 39 -13.54 -17.75 28.71
C CYS D 39 -14.94 -17.77 29.32
N ASP D 40 -15.24 -16.82 30.20
CA ASP D 40 -16.53 -16.81 30.90
C ASP D 40 -17.72 -16.33 30.07
N CYS D 41 -17.45 -15.86 28.86
CA CYS D 41 -18.46 -15.45 27.88
C CYS D 41 -19.26 -14.22 28.29
N ASN D 42 -18.68 -13.37 29.15
CA ASN D 42 -19.38 -12.15 29.55
C ASN D 42 -19.53 -11.17 28.36
N VAL D 43 -20.44 -10.22 28.48
CA VAL D 43 -20.76 -9.33 27.34
C VAL D 43 -19.67 -8.34 26.96
N ASP D 44 -18.61 -8.25 27.78
CA ASP D 44 -17.53 -7.31 27.49
C ASP D 44 -16.49 -7.84 26.50
N TRP D 45 -16.38 -9.17 26.39
CA TRP D 45 -15.48 -9.77 25.40
C TRP D 45 -15.80 -9.29 24.02
N CYS D 46 -14.77 -8.88 23.28
CA CYS D 46 -14.98 -8.37 21.93
C CYS D 46 -13.78 -8.58 21.05
N LEU D 47 -13.97 -8.38 19.75
CA LEU D 47 -12.85 -8.19 18.84
C LEU D 47 -12.51 -6.71 18.84
N TYR D 48 -11.22 -6.42 18.77
CA TYR D 48 -10.72 -5.07 18.92
C TYR D 48 -9.65 -4.85 17.86
N GLU D 49 -9.81 -3.84 17.02
CA GLU D 49 -8.89 -3.50 15.95
CA GLU D 49 -8.79 -3.60 16.02
C GLU D 49 -7.85 -2.49 16.44
N ILE D 50 -6.56 -2.76 16.23
CA ILE D 50 -5.50 -1.82 16.56
CA ILE D 50 -5.55 -1.77 16.53
C ILE D 50 -4.72 -1.44 15.30
N TYR D 51 -4.43 -0.15 15.15
CA TYR D 51 -3.62 0.37 14.04
C TYR D 51 -2.32 0.89 14.68
N PRO D 52 -1.24 0.08 14.66
CA PRO D 52 0.00 0.54 15.29
C PRO D 52 0.63 1.80 14.69
N GLU D 53 0.47 2.00 13.38
CA GLU D 53 1.07 3.19 12.73
C GLU D 53 0.34 4.48 13.06
N LEU D 54 -0.98 4.50 12.85
CA LEU D 54 -1.79 5.67 13.18
C LEU D 54 -2.02 5.83 14.70
N GLN D 55 -1.75 4.75 15.44
CA GLN D 55 -2.02 4.71 16.88
C GLN D 55 -3.48 5.04 17.21
N ILE D 56 -4.37 4.29 16.59
CA ILE D 56 -5.79 4.37 16.89
C ILE D 56 -6.29 2.94 17.08
N GLU D 57 -7.45 2.79 17.70
CA GLU D 57 -8.01 1.47 17.98
C GLU D 57 -9.51 1.56 18.23
N ARG D 58 -10.24 0.48 17.95
CA ARG D 58 -11.68 0.47 18.22
C ARG D 58 -12.21 -0.92 18.40
N VAL D 59 -13.33 -1.02 19.10
CA VAL D 59 -14.09 -2.28 19.13
C VAL D 59 -14.72 -2.55 17.77
N PHE D 60 -14.70 -3.82 17.34
CA PHE D 60 -15.59 -4.26 16.27
C PHE D 60 -16.99 -4.29 16.88
N GLU D 61 -18.00 -3.82 16.17
CA GLU D 61 -19.35 -4.12 16.60
C GLU D 61 -19.68 -5.55 16.17
N ASP D 62 -20.57 -6.21 16.91
CA ASP D 62 -20.72 -7.64 16.74
C ASP D 62 -21.34 -8.06 15.41
N HIS D 63 -22.06 -7.14 14.79
CA HIS D 63 -22.70 -7.43 13.50
C HIS D 63 -21.79 -7.17 12.32
N GLU D 64 -20.58 -6.62 12.56
CA GLU D 64 -19.71 -6.29 11.43
C GLU D 64 -19.12 -7.53 10.78
N ASN D 65 -19.03 -7.48 9.45
CA ASN D 65 -18.43 -8.55 8.68
C ASN D 65 -16.92 -8.45 8.78
N VAL D 66 -16.28 -9.50 9.31
CA VAL D 66 -14.86 -9.46 9.63
C VAL D 66 -13.98 -9.31 8.39
N VAL D 67 -14.24 -10.11 7.36
CA VAL D 67 -13.48 -10.02 6.12
C VAL D 67 -13.60 -8.62 5.51
N GLU D 68 -14.81 -8.04 5.57
CA GLU D 68 -15.04 -6.68 5.07
C GLU D 68 -14.17 -5.63 5.79
N VAL D 69 -14.12 -5.71 7.11
CA VAL D 69 -13.32 -4.77 7.88
C VAL D 69 -11.84 -4.94 7.54
N LEU D 70 -11.37 -6.18 7.52
CA LEU D 70 -9.95 -6.44 7.28
C LEU D 70 -9.53 -6.14 5.85
N SER D 71 -10.49 -6.15 4.94
CA SER D 71 -10.21 -5.87 3.52
CA SER D 71 -10.20 -5.88 3.52
C SER D 71 -9.74 -4.44 3.31
N ASP D 72 -10.04 -3.56 4.27
CA ASP D 72 -9.58 -2.17 4.21
C ASP D 72 -8.10 -2.01 4.51
N TRP D 73 -7.54 -2.99 5.23
CA TRP D 73 -6.12 -2.93 5.59
C TRP D 73 -5.26 -3.05 4.37
N THR D 74 -4.11 -2.37 4.39
CA THR D 74 -3.20 -2.46 3.25
C THR D 74 -2.51 -3.83 3.23
N ARG D 75 -1.93 -4.17 2.09
CA ARG D 75 -1.28 -5.47 1.94
C ARG D 75 -0.14 -5.66 2.94
N ASP D 76 0.61 -4.59 3.21
CA ASP D 76 1.73 -4.61 4.17
C ASP D 76 1.36 -3.94 5.50
N THR D 77 0.13 -4.15 5.93
CA THR D 77 -0.40 -3.56 7.16
C THR D 77 0.30 -4.08 8.42
N GLU D 78 0.33 -3.24 9.45
CA GLU D 78 0.76 -3.63 10.78
C GLU D 78 -0.45 -3.89 11.69
N ASN D 79 -1.66 -3.72 11.15
CA ASN D 79 -2.87 -3.82 11.98
C ASN D 79 -3.06 -5.20 12.59
N LYS D 80 -3.70 -5.23 13.75
CA LYS D 80 -3.94 -6.47 14.50
C LYS D 80 -5.37 -6.55 15.01
N VAL D 81 -5.87 -7.78 15.09
CA VAL D 81 -7.12 -8.09 15.76
C VAL D 81 -6.81 -8.68 17.13
N LEU D 82 -7.38 -8.07 18.17
CA LEU D 82 -7.24 -8.55 19.54
C LEU D 82 -8.57 -9.06 20.06
N PHE D 83 -8.50 -10.01 20.99
CA PHE D 83 -9.67 -10.53 21.69
C PHE D 83 -9.49 -10.17 23.15
N LEU D 84 -10.33 -9.27 23.64
CA LEU D 84 -10.21 -8.77 25.01
C LEU D 84 -11.53 -8.21 25.53
N GLU D 85 -11.54 -7.84 26.80
CA GLU D 85 -12.73 -7.29 27.42
C GLU D 85 -12.73 -5.77 27.34
N LYS D 86 -13.83 -5.21 26.87
CA LYS D 86 -13.98 -3.76 26.81
C LYS D 86 -15.32 -3.38 27.41
N GLU D 87 -15.30 -3.07 28.70
CA GLU D 87 -16.55 -2.87 29.43
C GLU D 87 -17.31 -1.61 29.00
N GLU D 88 -16.64 -0.71 28.29
CA GLU D 88 -17.33 0.45 27.73
C GLU D 88 -18.25 0.11 26.56
N ARG D 89 -18.05 -1.04 25.93
CA ARG D 89 -18.73 -1.31 24.64
C ARG D 89 -20.27 -1.33 24.76
N TYR D 90 -20.79 -1.88 25.86
CA TYR D 90 -22.23 -1.89 26.10
C TYR D 90 -22.61 -1.11 27.35
N ALA D 91 -21.81 -0.09 27.68
CA ALA D 91 -22.04 0.70 28.88
C ALA D 91 -23.47 1.24 28.98
N VAL D 92 -24.03 1.72 27.86
CA VAL D 92 -25.38 2.29 27.88
C VAL D 92 -26.46 1.28 28.25
N PHE D 93 -26.23 0.01 27.92
CA PHE D 93 -27.23 -1.01 28.20
C PHE D 93 -27.18 -1.49 29.64
N LYS D 94 -26.03 -1.32 30.28
CA LYS D 94 -25.91 -1.66 31.69
C LYS D 94 -26.38 -0.52 32.58
N ASN D 95 -26.09 0.71 32.15
CA ASN D 95 -26.40 1.91 32.93
C ASN D 95 -26.85 3.07 32.03
N PRO D 96 -28.07 2.96 31.47
CA PRO D 96 -28.57 3.97 30.53
C PRO D 96 -28.71 5.35 31.16
N GLN D 97 -28.92 5.37 32.49
CA GLN D 97 -29.06 6.61 33.23
C GLN D 97 -27.78 7.45 33.24
N ASN D 98 -26.65 6.82 32.91
CA ASN D 98 -25.37 7.52 32.83
C ASN D 98 -25.15 8.22 31.49
N PHE D 99 -26.04 8.00 30.54
CA PHE D 99 -25.91 8.59 29.21
C PHE D 99 -27.14 9.40 28.82
N TYR D 100 -28.31 8.93 29.23
CA TYR D 100 -29.55 9.67 29.05
C TYR D 100 -29.81 10.40 30.35
N LEU D 101 -29.33 11.62 30.42
CA LEU D 101 -29.28 12.35 31.70
C LEU D 101 -30.61 13.03 32.04
N ASP D 102 -31.32 13.49 31.01
CA ASP D 102 -32.70 13.99 31.13
C ASP D 102 -33.12 14.78 29.89
N MET D 116 -30.13 4.23 39.48
CA MET D 116 -31.41 3.82 38.90
C MET D 116 -31.67 2.34 39.14
N ASN D 117 -32.90 1.99 39.52
CA ASN D 117 -33.27 0.58 39.69
C ASN D 117 -33.46 -0.12 38.33
N ALA D 118 -33.55 -1.45 38.35
CA ALA D 118 -33.62 -2.25 37.13
C ALA D 118 -34.86 -1.98 36.29
N LYS D 119 -35.99 -1.75 36.96
CA LYS D 119 -37.25 -1.45 36.29
C LYS D 119 -37.16 -0.16 35.47
N ASN D 120 -36.65 0.90 36.07
CA ASN D 120 -36.52 2.18 35.38
C ASN D 120 -35.46 2.16 34.28
N LYS D 121 -34.39 1.40 34.48
CA LYS D 121 -33.40 1.20 33.41
C LYS D 121 -34.04 0.56 32.19
N GLU D 122 -34.91 -0.43 32.43
CA GLU D 122 -35.66 -1.08 31.37
C GLU D 122 -36.59 -0.12 30.62
N TYR D 123 -37.35 0.69 31.37
CA TYR D 123 -38.22 1.70 30.76
C TYR D 123 -37.43 2.66 29.88
N LEU D 124 -36.27 3.09 30.39
CA LEU D 124 -35.43 4.03 29.68
C LEU D 124 -34.88 3.43 28.37
N LEU D 125 -34.47 2.18 28.42
CA LEU D 125 -33.98 1.51 27.21
C LEU D 125 -35.09 1.24 26.20
N GLU D 126 -36.28 0.91 26.70
CA GLU D 126 -37.45 0.73 25.83
C GLU D 126 -37.81 2.03 25.12
N GLU D 127 -37.82 3.12 25.88
CA GLU D 127 -38.06 4.44 25.33
C GLU D 127 -37.03 4.82 24.27
N SER D 128 -35.77 4.49 24.52
CA SER D 128 -34.66 4.98 23.71
C SER D 128 -34.29 4.11 22.51
N PHE D 129 -34.64 2.84 22.56
CA PHE D 129 -34.26 1.90 21.49
C PHE D 129 -35.39 1.14 20.83
N CYS D 130 -36.54 1.06 21.50
CA CYS D 130 -37.59 0.15 21.05
C CYS D 130 -38.76 0.84 20.37
N GLY D 131 -38.69 2.16 20.26
CA GLY D 131 -39.69 2.91 19.49
C GLY D 131 -39.40 2.78 18.00
N THR D 132 -40.21 3.42 17.16
CA THR D 132 -39.99 3.33 15.71
C THR D 132 -38.62 3.87 15.30
N SER D 133 -38.23 5.00 15.88
CA SER D 133 -36.85 5.46 15.75
C SER D 133 -36.22 5.51 17.14
N ILE D 134 -34.89 5.45 17.18
CA ILE D 134 -34.17 5.53 18.45
C ILE D 134 -34.10 6.96 18.95
N ILE D 135 -33.77 7.10 20.23
CA ILE D 135 -33.41 8.40 20.78
C ILE D 135 -31.92 8.39 21.07
N VAL D 136 -31.20 9.35 20.52
CA VAL D 136 -29.77 9.50 20.79
C VAL D 136 -29.62 10.42 22.01
N PRO D 137 -28.63 10.17 22.89
CA PRO D 137 -28.46 11.07 24.04
C PRO D 137 -28.29 12.52 23.58
N GLU D 138 -28.82 13.47 24.35
CA GLU D 138 -28.77 14.89 23.99
C GLU D 138 -27.43 15.51 24.40
N LEU D 139 -26.37 15.02 23.78
CA LEU D 139 -25.02 15.36 24.18
C LEU D 139 -24.54 16.57 23.42
N GLU D 140 -23.96 17.52 24.15
CA GLU D 140 -23.35 18.67 23.54
C GLU D 140 -22.22 19.15 24.42
N GLY D 141 -21.28 19.87 23.83
CA GLY D 141 -20.19 20.41 24.60
C GLY D 141 -19.00 20.79 23.76
N ALA D 142 -18.03 21.39 24.43
CA ALA D 142 -16.81 21.83 23.76
C ALA D 142 -15.86 20.65 23.64
N LEU D 143 -15.20 20.55 22.50
CA LEU D 143 -14.13 19.59 22.29
C LEU D 143 -13.00 20.32 21.61
N TYR D 144 -11.79 19.79 21.69
CA TYR D 144 -10.68 20.39 20.95
C TYR D 144 -10.51 19.65 19.63
N LEU D 145 -10.57 20.38 18.53
CA LEU D 145 -10.41 19.77 17.20
C LEU D 145 -9.03 20.10 16.66
N LYS D 146 -8.28 19.05 16.29
CA LYS D 146 -6.94 19.23 15.74
C LYS D 146 -7.02 19.86 14.35
N GLU D 147 -6.14 20.82 14.08
CA GLU D 147 -6.04 21.38 12.73
C GLU D 147 -5.25 20.45 11.82
N ASP D 148 -5.69 20.34 10.56
CA ASP D 148 -5.05 19.43 9.59
C ASP D 148 -3.54 19.65 9.49
N GLY D 149 -2.77 18.58 9.71
CA GLY D 149 -1.31 18.59 9.55
C GLY D 149 -0.54 19.51 10.48
N LYS D 150 -1.16 19.90 11.60
CA LYS D 150 -0.54 20.83 12.54
C LYS D 150 -0.68 20.30 13.96
N LYS D 151 0.30 20.61 14.80
CA LYS D 151 0.19 20.29 16.23
C LYS D 151 -0.52 21.45 16.91
N SER D 152 -1.73 21.72 16.43
CA SER D 152 -2.54 22.84 16.85
C SER D 152 -3.98 22.37 17.03
N TRP D 153 -4.62 22.88 18.08
CA TRP D 153 -5.98 22.46 18.45
C TRP D 153 -6.85 23.66 18.68
N LYS D 154 -8.11 23.56 18.29
CA LYS D 154 -9.07 24.65 18.47
C LYS D 154 -10.29 24.17 19.22
N ARG D 155 -10.64 24.88 20.30
CA ARG D 155 -11.82 24.55 21.08
C ARG D 155 -13.07 25.00 20.33
N ARG D 156 -13.96 24.04 20.08
CA ARG D 156 -15.22 24.30 19.39
C ARG D 156 -16.36 23.59 20.09
N TYR D 157 -17.57 24.13 19.93
CA TYR D 157 -18.76 23.56 20.53
C TYR D 157 -19.47 22.66 19.54
N PHE D 158 -19.77 21.42 19.95
CA PHE D 158 -20.40 20.43 19.09
C PHE D 158 -21.68 19.88 19.69
N LEU D 159 -22.58 19.46 18.80
CA LEU D 159 -23.87 18.86 19.19
C LEU D 159 -23.99 17.48 18.54
N LEU D 160 -24.33 16.47 19.34
CA LEU D 160 -24.60 15.13 18.81
C LEU D 160 -26.03 15.02 18.29
N ARG D 161 -26.16 14.53 17.07
CA ARG D 161 -27.46 14.23 16.46
C ARG D 161 -27.42 12.83 15.87
N ALA D 162 -28.58 12.29 15.51
CA ALA D 162 -28.66 10.92 14.97
C ALA D 162 -27.77 10.68 13.76
N SER D 163 -27.70 11.66 12.86
CA SER D 163 -26.96 11.48 11.60
C SER D 163 -25.50 11.91 11.66
N GLY D 164 -25.14 12.68 12.68
CA GLY D 164 -23.80 13.22 12.75
C GLY D 164 -23.59 14.24 13.84
N ILE D 165 -22.42 14.87 13.80
CA ILE D 165 -22.02 15.87 14.76
CA ILE D 165 -22.05 15.86 14.77
C ILE D 165 -22.16 17.24 14.12
N TYR D 166 -22.78 18.18 14.84
CA TYR D 166 -23.03 19.52 14.31
C TYR D 166 -22.24 20.59 15.07
N TYR D 167 -21.88 21.65 14.33
CA TYR D 167 -21.10 22.79 14.81
CA TYR D 167 -21.09 22.74 14.89
C TYR D 167 -22.00 23.83 15.45
N VAL D 168 -21.58 24.41 16.58
CA VAL D 168 -22.28 25.55 17.17
C VAL D 168 -21.33 26.74 17.27
N PRO D 169 -21.36 27.63 16.25
CA PRO D 169 -20.44 28.77 16.12
C PRO D 169 -20.48 29.74 17.30
N LYS D 170 -19.39 30.49 17.47
CA LYS D 170 -19.17 31.36 18.62
C LYS D 170 -20.26 32.44 18.74
N GLY D 171 -20.92 32.47 19.89
CA GLY D 171 -21.98 33.45 20.14
C GLY D 171 -23.34 33.07 19.59
N LYS D 172 -23.49 31.79 19.22
CA LYS D 172 -24.77 31.29 18.72
C LYS D 172 -25.21 30.08 19.57
N THR D 173 -26.52 29.88 19.68
CA THR D 173 -27.07 28.77 20.44
C THR D 173 -27.41 27.60 19.52
N LYS D 174 -28.08 26.57 20.06
CA LYS D 174 -28.54 25.42 19.26
C LYS D 174 -29.41 25.87 18.08
N THR D 175 -30.15 26.97 18.28
CA THR D 175 -31.06 27.55 17.27
C THR D 175 -32.01 26.51 16.67
N SER D 176 -32.36 26.69 15.40
CA SER D 176 -33.21 25.74 14.67
C SER D 176 -32.37 24.81 13.81
N ARG D 177 -32.95 24.32 12.71
CA ARG D 177 -32.23 23.47 11.75
C ARG D 177 -31.53 24.34 10.70
N ASP D 178 -30.33 24.79 11.05
CA ASP D 178 -29.50 25.61 10.16
C ASP D 178 -28.01 25.43 10.48
N LEU D 179 -27.74 24.72 11.58
CA LEU D 179 -26.37 24.46 12.03
C LEU D 179 -25.61 23.63 11.01
N ALA D 180 -24.34 23.96 10.83
CA ALA D 180 -23.48 23.25 9.89
C ALA D 180 -23.12 21.86 10.42
N CYS D 181 -23.16 20.87 9.53
CA CYS D 181 -22.74 19.52 9.88
C CYS D 181 -21.23 19.39 9.81
N PHE D 182 -20.63 18.95 10.91
CA PHE D 182 -19.20 18.70 10.97
C PHE D 182 -18.87 17.35 10.31
N ILE D 183 -19.59 16.32 10.72
CA ILE D 183 -19.39 14.98 10.16
C ILE D 183 -20.69 14.19 10.15
N GLN D 184 -20.87 13.37 9.14
CA GLN D 184 -21.97 12.40 9.07
C GLN D 184 -21.46 11.01 9.42
N PHE D 185 -22.19 10.28 10.25
CA PHE D 185 -21.70 9.00 10.77
C PHE D 185 -21.70 7.85 9.76
N GLU D 186 -22.50 7.96 8.70
CA GLU D 186 -22.47 6.92 7.67
C GLU D 186 -21.08 6.89 7.01
N ASN D 187 -20.35 7.99 7.11
CA ASN D 187 -19.07 8.17 6.43
C ASN D 187 -17.83 7.84 7.26
N VAL D 188 -18.00 7.47 8.54
CA VAL D 188 -16.85 7.26 9.42
C VAL D 188 -17.06 6.16 10.44
N ASN D 189 -15.96 5.54 10.86
CA ASN D 189 -15.93 4.80 12.13
C ASN D 189 -15.35 5.70 13.21
N ILE D 190 -15.62 5.33 14.46
CA ILE D 190 -15.04 6.04 15.60
C ILE D 190 -13.99 5.17 16.31
N TYR D 191 -12.85 5.80 16.60
CA TYR D 191 -11.71 5.11 17.22
C TYR D 191 -11.21 5.91 18.41
N TYR D 192 -10.49 5.24 19.31
CA TYR D 192 -9.71 5.95 20.31
C TYR D 192 -8.41 6.40 19.69
N GLY D 193 -7.98 7.62 20.02
CA GLY D 193 -6.66 8.10 19.63
C GLY D 193 -5.71 7.87 20.78
N ILE D 194 -4.56 7.27 20.49
CA ILE D 194 -3.57 6.94 21.51
C ILE D 194 -2.35 7.87 21.38
N GLN D 195 -1.88 8.37 22.53
CA GLN D 195 -0.71 9.25 22.63
C GLN D 195 -0.78 10.53 21.79
N CYS D 196 -1.99 11.09 21.66
CA CYS D 196 -2.16 12.33 20.90
C CYS D 196 -1.54 13.52 21.63
N LYS D 197 -1.47 13.42 22.96
CA LYS D 197 -0.81 14.45 23.76
C LYS D 197 0.67 14.54 23.37
N MET D 198 1.37 13.40 23.44
CA MET D 198 2.80 13.34 23.12
CA MET D 198 2.79 13.35 23.13
C MET D 198 3.04 13.71 21.67
N LYS D 199 2.27 13.13 20.77
CA LYS D 199 2.51 13.30 19.33
C LYS D 199 2.11 14.64 18.76
N TYR D 200 0.96 15.17 19.17
CA TYR D 200 0.34 16.28 18.49
C TYR D 200 0.05 17.46 19.40
N LYS D 201 0.52 17.37 20.64
CA LYS D 201 0.25 18.39 21.65
C LYS D 201 -1.24 18.54 21.97
N ALA D 202 -1.99 17.45 21.87
CA ALA D 202 -3.37 17.46 22.36
C ALA D 202 -3.34 17.91 23.82
N PRO D 203 -4.31 18.76 24.23
CA PRO D 203 -4.32 19.19 25.62
C PRO D 203 -4.41 18.04 26.64
N THR D 204 -5.05 16.94 26.26
CA THR D 204 -5.11 15.73 27.08
C THR D 204 -4.95 14.49 26.20
N ASP D 205 -4.89 13.32 26.83
CA ASP D 205 -4.90 12.07 26.08
C ASP D 205 -6.29 11.44 25.95
N HIS D 206 -7.33 12.20 26.31
CA HIS D 206 -8.70 11.68 26.18
C HIS D 206 -9.25 11.99 24.81
N CYS D 207 -8.76 11.26 23.81
CA CYS D 207 -9.03 11.60 22.42
CA CYS D 207 -9.01 11.60 22.42
C CYS D 207 -9.80 10.53 21.67
N PHE D 208 -10.70 10.97 20.80
CA PHE D 208 -11.33 10.05 19.84
C PHE D 208 -11.07 10.53 18.42
N VAL D 209 -11.21 9.62 17.46
CA VAL D 209 -10.83 9.88 16.08
C VAL D 209 -11.99 9.44 15.21
N LEU D 210 -12.32 10.27 14.22
CA LEU D 210 -13.34 9.93 13.25
C LEU D 210 -12.66 9.80 11.90
N LYS D 211 -12.82 8.64 11.26
CA LYS D 211 -12.06 8.29 10.07
C LYS D 211 -12.88 7.32 9.22
N HIS D 212 -12.91 7.56 7.91
CA HIS D 212 -13.47 6.59 7.00
C HIS D 212 -12.67 5.31 7.10
N PRO D 213 -13.33 4.14 7.06
CA PRO D 213 -12.58 2.88 7.18
C PRO D 213 -11.49 2.68 6.12
N GLN D 214 -11.64 3.30 4.95
CA GLN D 214 -10.66 3.12 3.86
C GLN D 214 -9.30 3.72 4.17
N ILE D 215 -9.24 4.69 5.07
CA ILE D 215 -8.00 5.42 5.33
CA ILE D 215 -8.01 5.44 5.35
C ILE D 215 -7.08 4.63 6.25
N GLN D 216 -5.87 4.34 5.77
CA GLN D 216 -4.95 3.49 6.51
C GLN D 216 -3.65 4.16 6.90
N LYS D 217 -3.45 5.39 6.43
CA LYS D 217 -2.31 6.17 6.90
C LYS D 217 -2.62 7.64 7.07
N GLU D 218 -1.66 8.34 7.67
CA GLU D 218 -1.77 9.77 7.95
C GLU D 218 -2.45 10.54 6.82
N SER D 219 -3.27 11.51 7.21
CA SER D 219 -3.88 12.42 6.25
C SER D 219 -4.86 13.39 6.90
N GLN D 220 -5.13 14.48 6.17
CA GLN D 220 -6.00 15.56 6.61
C GLN D 220 -7.45 15.13 6.85
N TYR D 221 -7.85 14.06 6.19
CA TYR D 221 -9.23 13.57 6.25
C TYR D 221 -9.59 13.11 7.65
N ILE D 222 -8.59 12.57 8.36
CA ILE D 222 -8.78 11.99 9.69
C ILE D 222 -8.99 13.13 10.68
N LYS D 223 -10.07 13.03 11.46
CA LYS D 223 -10.42 14.07 12.42
CA LYS D 223 -10.40 14.07 12.42
C LYS D 223 -10.09 13.61 13.84
N TYR D 224 -9.34 14.44 14.57
CA TYR D 224 -8.92 14.14 15.94
C TYR D 224 -9.64 15.09 16.89
N LEU D 225 -10.36 14.51 17.85
CA LEU D 225 -11.09 15.30 18.85
C LEU D 225 -10.57 14.98 20.25
N CYS D 226 -10.20 16.01 20.99
CA CYS D 226 -9.70 15.86 22.35
C CYS D 226 -10.72 16.37 23.36
N CYS D 227 -10.92 15.59 24.42
CA CYS D 227 -11.88 15.89 25.48
C CYS D 227 -11.13 16.33 26.73
N ASP D 228 -11.75 17.23 27.51
CA ASP D 228 -11.12 17.71 28.74
C ASP D 228 -10.87 16.64 29.80
N ASP D 229 -11.69 15.60 29.80
CA ASP D 229 -11.57 14.54 30.81
C ASP D 229 -12.07 13.19 30.30
N ALA D 230 -11.83 12.16 31.10
CA ALA D 230 -12.19 10.80 30.72
C ALA D 230 -13.69 10.60 30.58
N ARG D 231 -14.47 11.23 31.46
CA ARG D 231 -15.93 11.10 31.42
C ARG D 231 -16.50 11.64 30.11
N THR D 232 -16.01 12.79 29.68
CA THR D 232 -16.43 13.39 28.42
C THR D 232 -16.13 12.45 27.24
N LEU D 233 -14.94 11.86 27.25
CA LEU D 233 -14.58 10.91 26.19
C LEU D 233 -15.56 9.73 26.14
N SER D 234 -15.85 9.16 27.31
CA SER D 234 -16.79 8.04 27.42
CA SER D 234 -16.77 8.02 27.38
CA SER D 234 -16.78 8.03 27.41
C SER D 234 -18.17 8.39 26.87
N GLN D 235 -18.64 9.59 27.20
CA GLN D 235 -19.95 10.06 26.76
C GLN D 235 -20.00 10.17 25.23
N TRP D 236 -18.98 10.80 24.64
CA TRP D 236 -18.95 10.94 23.18
C TRP D 236 -18.80 9.66 22.41
N VAL D 237 -17.93 8.77 22.89
CA VAL D 237 -17.73 7.48 22.21
C VAL D 237 -19.01 6.65 22.25
N MET D 238 -19.64 6.56 23.43
CA MET D 238 -20.89 5.82 23.55
C MET D 238 -22.00 6.45 22.72
N GLY D 239 -22.10 7.79 22.77
CA GLY D 239 -23.18 8.51 22.07
C GLY D 239 -23.07 8.38 20.56
N ILE D 240 -21.84 8.51 20.05
CA ILE D 240 -21.61 8.38 18.62
C ILE D 240 -21.90 6.95 18.15
N ARG D 241 -21.52 5.96 18.97
CA ARG D 241 -21.83 4.57 18.62
C ARG D 241 -23.34 4.30 18.59
N ILE D 242 -24.06 4.90 19.53
CA ILE D 242 -25.52 4.80 19.53
C ILE D 242 -26.09 5.44 18.25
N ALA D 243 -25.61 6.65 17.92
CA ALA D 243 -26.13 7.35 16.74
C ALA D 243 -25.84 6.58 15.45
N LYS D 244 -24.61 6.05 15.36
CA LYS D 244 -24.18 5.36 14.14
C LYS D 244 -24.87 4.01 13.96
N TYR D 245 -24.91 3.21 15.03
CA TYR D 245 -25.36 1.82 14.93
C TYR D 245 -26.80 1.60 15.37
N GLY D 246 -27.31 2.47 16.24
CA GLY D 246 -28.74 2.47 16.59
C GLY D 246 -29.27 1.15 17.12
N LYS D 247 -30.41 0.73 16.57
CA LYS D 247 -31.08 -0.50 17.01
CA LYS D 247 -31.07 -0.49 17.02
C LYS D 247 -30.18 -1.73 16.89
N THR D 248 -29.27 -1.70 15.92
CA THR D 248 -28.35 -2.82 15.72
C THR D 248 -27.50 -3.05 16.98
N LEU D 249 -27.10 -1.96 17.63
CA LEU D 249 -26.29 -2.05 18.85
C LEU D 249 -27.08 -2.71 19.98
N TYR D 250 -28.34 -2.30 20.12
CA TYR D 250 -29.25 -2.89 21.10
C TYR D 250 -29.43 -4.39 20.82
N ASP D 251 -29.64 -4.75 19.56
CA ASP D 251 -29.81 -6.15 19.19
C ASP D 251 -28.53 -6.94 19.49
N ASN D 252 -27.38 -6.33 19.22
CA ASN D 252 -26.08 -6.96 19.53
C ASN D 252 -25.98 -7.25 21.01
N TYR D 253 -26.40 -6.29 21.83
CA TYR D 253 -26.36 -6.48 23.27
C TYR D 253 -27.27 -7.65 23.69
N GLN D 254 -28.50 -7.69 23.17
CA GLN D 254 -29.42 -8.79 23.52
C GLN D 254 -28.83 -10.15 23.14
N ARG D 255 -28.21 -10.21 21.96
CA ARG D 255 -27.54 -11.45 21.52
C ARG D 255 -26.38 -11.84 22.45
N ALA D 256 -25.65 -10.84 22.94
CA ALA D 256 -24.52 -11.07 23.84
C ALA D 256 -25.01 -11.54 25.22
N VAL D 257 -26.03 -10.88 25.75
CA VAL D 257 -26.59 -11.28 27.05
C VAL D 257 -27.02 -12.75 27.05
N ALA D 258 -27.60 -13.19 25.94
CA ALA D 258 -28.09 -14.57 25.82
C ALA D 258 -26.95 -15.60 25.87
N ARG D 259 -25.73 -15.16 25.64
CA ARG D 259 -24.57 -16.05 25.67
C ARG D 259 -23.80 -16.03 26.99
N ALA D 260 -24.11 -15.06 27.84
CA ALA D 260 -23.39 -14.87 29.10
C ALA D 260 -23.86 -15.81 30.21
#